data_8UUR
#
_entry.id   8UUR
#
_cell.length_a   118.556
_cell.length_b   68.409
_cell.length_c   132.757
_cell.angle_alpha   90.000
_cell.angle_beta   93.323
_cell.angle_gamma   90.000
#
_symmetry.space_group_name_H-M   'C 1 2 1'
#
loop_
_entity.id
_entity.type
_entity.pdbx_description
1 polymer AfpX13
2 non-polymer 'CADMIUM ION'
3 water water
#
_entity_poly.entity_id   1
_entity_poly.type   'polypeptide(L)'
_entity_poly.pdbx_seq_one_letter_code
;GAMTDKTPQNQAENPVNTPTTLTDTTDTARDGELKSRALPQADALKERFKAGSIPLQTDFADLVDLANMGRQAVGGTEGQ
TGPANGFTLSLEGRLELKPNAAKGIVVDKDGIAVKVEASKGLQVTASGVSVQAGDGISVAGTGVAVKVEASKGLQVTSNG
VGLNNTAWIKMMCGLHNATFYVSDTYVCVFFCNHSTGCTAYVYGRGGYYLSMYKGDVKLNSVDHNEIISMVGSGSIAAAT
MVSWKSTKAAAGISFKYLGKNLITSTSHSGSVTLVAAP
;
_entity_poly.pdbx_strand_id   A,B,C
#
# COMPACT_ATOMS: atom_id res chain seq x y z
N ARG A 37 -13.45 49.49 34.94
CA ARG A 37 -14.04 50.56 34.11
C ARG A 37 -14.04 50.17 32.65
N ALA A 38 -15.20 50.33 32.01
CA ALA A 38 -15.38 50.00 30.59
C ALA A 38 -15.58 51.28 29.81
N LEU A 39 -14.68 51.52 28.87
CA LEU A 39 -14.63 52.79 28.16
C LEU A 39 -15.99 53.08 27.56
N PRO A 40 -16.39 54.36 27.52
CA PRO A 40 -17.63 54.72 26.84
C PRO A 40 -17.56 54.35 25.36
N GLN A 41 -18.73 54.32 24.76
CA GLN A 41 -18.82 54.14 23.32
C GLN A 41 -18.56 55.46 22.60
N ALA A 42 -18.42 55.36 21.28
CA ALA A 42 -18.00 56.50 20.46
C ALA A 42 -18.98 57.66 20.57
N ASP A 43 -20.28 57.40 20.41
CA ASP A 43 -21.25 58.50 20.45
C ASP A 43 -21.28 59.14 21.84
N ALA A 44 -21.37 58.33 22.89
CA ALA A 44 -21.34 58.85 24.25
C ALA A 44 -20.10 59.71 24.46
N LEU A 45 -18.93 59.21 24.07
CA LEU A 45 -17.71 59.97 24.30
C LEU A 45 -17.71 61.25 23.49
N LYS A 46 -18.17 61.18 22.24
CA LYS A 46 -18.27 62.40 21.44
C LYS A 46 -19.05 63.46 22.20
N GLU A 47 -20.03 63.03 22.99
CA GLU A 47 -20.96 63.97 23.56
C GLU A 47 -20.25 64.83 24.60
N ARG A 48 -19.17 64.28 25.18
CA ARG A 48 -18.41 64.96 26.21
C ARG A 48 -17.47 66.00 25.62
N PHE A 49 -17.23 65.98 24.31
CA PHE A 49 -16.44 66.98 23.62
C PHE A 49 -17.31 67.79 22.67
N LYS A 50 -18.57 68.00 23.05
CA LYS A 50 -19.52 68.73 22.23
C LYS A 50 -19.23 70.23 22.32
N ALA A 51 -19.75 70.96 21.34
CA ALA A 51 -19.59 72.42 21.31
C ALA A 51 -20.01 73.03 22.64
N GLY A 52 -19.15 73.88 23.19
CA GLY A 52 -19.41 74.52 24.46
C GLY A 52 -19.01 73.76 25.70
N SER A 53 -18.47 72.55 25.57
CA SER A 53 -18.19 71.76 26.75
C SER A 53 -16.78 72.01 27.26
N ILE A 54 -16.60 71.80 28.56
CA ILE A 54 -15.27 71.83 29.19
C ILE A 54 -14.96 70.40 29.56
N PRO A 55 -14.25 69.65 28.71
CA PRO A 55 -13.98 68.24 29.00
C PRO A 55 -13.17 68.10 30.27
N LEU A 56 -13.51 67.09 31.06
CA LEU A 56 -12.89 66.88 32.36
C LEU A 56 -11.65 66.02 32.16
N GLN A 57 -10.85 65.87 33.21
CA GLN A 57 -9.75 64.93 33.14
C GLN A 57 -10.24 63.53 32.77
N THR A 58 -11.37 63.12 33.34
CA THR A 58 -11.83 61.76 33.11
C THR A 58 -12.34 61.56 31.69
N ASP A 59 -12.81 62.62 31.01
CA ASP A 59 -13.16 62.48 29.60
C ASP A 59 -11.91 62.20 28.78
N PHE A 60 -10.85 62.96 29.05
CA PHE A 60 -9.58 62.77 28.38
C PHE A 60 -8.94 61.43 28.75
N ALA A 61 -9.08 61.00 30.00
CA ALA A 61 -8.56 59.68 30.35
C ALA A 61 -9.22 58.62 29.49
N ASP A 62 -10.55 58.70 29.39
CA ASP A 62 -11.32 57.79 28.57
C ASP A 62 -10.82 57.78 27.13
N LEU A 63 -10.61 58.97 26.57
CA LEU A 63 -10.07 59.08 25.21
C LEU A 63 -8.69 58.45 25.09
N VAL A 64 -7.79 58.73 26.05
CA VAL A 64 -6.45 58.14 26.01
C VAL A 64 -6.53 56.61 26.10
N ASP A 65 -7.32 56.09 27.05
CA ASP A 65 -7.41 54.66 27.20
C ASP A 65 -8.02 54.02 25.95
N LEU A 66 -8.96 54.71 25.31
CA LEU A 66 -9.58 54.14 24.12
C LEU A 66 -8.60 54.11 22.96
N ALA A 67 -7.84 55.19 22.78
CA ALA A 67 -6.74 55.21 21.82
C ALA A 67 -5.72 54.14 22.13
N ASN A 68 -5.57 53.78 23.41
CA ASN A 68 -4.53 52.84 23.77
C ASN A 68 -4.84 51.40 23.34
N MET A 69 -6.08 51.11 22.99
CA MET A 69 -6.47 49.71 22.75
C MET A 69 -5.79 49.15 21.53
N GLY A 70 -5.58 49.98 20.50
CA GLY A 70 -4.73 49.59 19.40
C GLY A 70 -3.38 49.09 19.87
N ARG A 71 -2.70 49.87 20.72
CA ARG A 71 -1.38 49.47 21.18
C ARG A 71 -1.47 48.21 22.02
N GLN A 72 -2.48 48.12 22.88
CA GLN A 72 -2.64 46.94 23.72
C GLN A 72 -2.82 45.69 22.87
N ALA A 73 -3.60 45.79 21.80
CA ALA A 73 -3.89 44.60 21.00
C ALA A 73 -2.63 44.01 20.38
N VAL A 74 -1.64 44.85 20.06
CA VAL A 74 -0.38 44.37 19.50
C VAL A 74 0.71 44.27 20.57
N GLY A 75 0.33 44.22 21.85
CA GLY A 75 1.29 44.03 22.90
C GLY A 75 2.29 45.15 23.06
N GLY A 76 1.91 46.37 22.68
CA GLY A 76 2.86 47.46 22.71
C GLY A 76 2.90 48.28 23.97
N THR A 77 2.06 48.02 24.99
CA THR A 77 2.09 48.87 26.17
C THR A 77 3.09 48.34 27.20
N GLU A 78 3.47 49.23 28.13
CA GLU A 78 4.36 48.84 29.22
C GLU A 78 3.71 47.70 30.00
N GLY A 79 4.54 46.73 30.40
CA GLY A 79 4.05 45.49 30.97
C GLY A 79 3.82 44.37 29.98
N GLN A 80 3.69 44.68 28.69
CA GLN A 80 3.40 43.70 27.65
C GLN A 80 4.69 43.30 26.92
N THR A 81 4.63 42.15 26.25
CA THR A 81 5.80 41.54 25.61
C THR A 81 5.78 41.63 24.09
N GLY A 82 4.96 42.50 23.50
CA GLY A 82 4.86 42.62 22.06
C GLY A 82 3.86 41.68 21.43
N PRO A 83 3.85 41.58 20.11
CA PRO A 83 2.82 40.79 19.41
C PRO A 83 2.72 39.34 19.90
N ALA A 84 1.49 38.87 20.04
CA ALA A 84 1.21 37.50 20.41
C ALA A 84 1.82 36.53 19.40
N ASN A 85 1.90 35.26 19.79
CA ASN A 85 2.42 34.26 18.87
C ASN A 85 1.50 34.16 17.67
N GLY A 86 2.08 33.97 16.50
CA GLY A 86 1.34 33.92 15.26
C GLY A 86 1.28 35.24 14.52
N PHE A 87 1.81 36.31 15.13
CA PHE A 87 1.67 37.67 14.64
C PHE A 87 3.03 38.32 14.53
N THR A 88 3.14 39.27 13.61
CA THR A 88 4.30 40.14 13.54
C THR A 88 3.84 41.57 13.29
N LEU A 89 4.72 42.52 13.60
CA LEU A 89 4.44 43.94 13.42
C LEU A 89 5.45 44.49 12.42
N SER A 90 4.95 45.02 11.31
CA SER A 90 5.81 45.61 10.30
C SER A 90 6.34 46.96 10.76
N LEU A 91 7.38 47.44 10.06
CA LEU A 91 7.89 48.78 10.34
C LEU A 91 6.87 49.85 10.00
N GLU A 92 5.90 49.55 9.16
CA GLU A 92 4.79 50.50 8.99
C GLU A 92 3.78 50.40 10.13
N GLY A 93 3.94 49.45 11.05
CA GLY A 93 2.98 49.25 12.11
C GLY A 93 1.82 48.33 11.78
N ARG A 94 1.89 47.57 10.70
CA ARG A 94 0.80 46.68 10.32
C ARG A 94 0.89 45.35 11.06
N LEU A 95 -0.26 44.87 11.53
CA LEU A 95 -0.28 43.52 12.06
C LEU A 95 -0.18 42.52 10.90
N GLU A 96 0.64 41.50 11.09
CA GLU A 96 0.82 40.51 10.02
C GLU A 96 0.89 39.11 10.62
N LEU A 97 0.36 38.14 9.87
CA LEU A 97 0.44 36.74 10.27
C LEU A 97 1.86 36.22 10.11
N LYS A 98 2.29 35.40 11.04
CA LYS A 98 3.59 34.77 10.96
C LYS A 98 3.42 33.27 10.74
N PRO A 99 3.16 32.83 9.52
CA PRO A 99 3.17 31.39 9.25
C PRO A 99 4.55 30.79 9.49
N ASN A 100 4.58 29.63 10.14
CA ASN A 100 5.78 28.82 10.24
C ASN A 100 5.94 28.10 8.90
N ALA A 101 6.76 28.66 8.02
CA ALA A 101 6.84 28.15 6.66
C ALA A 101 7.61 26.84 6.58
N ALA A 102 8.34 26.49 7.64
CA ALA A 102 8.95 25.17 7.77
C ALA A 102 7.96 24.10 8.23
N LYS A 103 6.72 24.45 8.57
CA LYS A 103 5.84 23.48 9.20
C LYS A 103 4.42 23.57 8.68
N GLY A 104 4.26 23.81 7.37
CA GLY A 104 3.05 23.41 6.69
C GLY A 104 2.04 24.49 6.37
N ILE A 105 2.35 25.75 6.67
CA ILE A 105 1.40 26.84 6.54
C ILE A 105 2.02 27.93 5.69
N VAL A 106 1.24 28.48 4.78
CA VAL A 106 1.62 29.66 4.03
C VAL A 106 0.47 30.66 4.05
N VAL A 107 0.82 31.94 3.97
CA VAL A 107 -0.16 33.00 3.80
C VAL A 107 0.24 33.77 2.56
N ASP A 108 -0.69 33.88 1.59
CA ASP A 108 -0.46 34.76 0.45
C ASP A 108 -1.72 35.57 0.17
N LYS A 109 -1.77 36.19 -1.01
CA LYS A 109 -2.91 37.00 -1.41
C LYS A 109 -4.23 36.24 -1.25
N ASP A 110 -4.19 34.92 -1.34
CA ASP A 110 -5.38 34.08 -1.35
C ASP A 110 -5.83 33.66 0.05
N GLY A 111 -5.00 33.85 1.05
CA GLY A 111 -5.43 33.52 2.39
C GLY A 111 -4.42 32.65 3.10
N ILE A 112 -4.85 32.13 4.24
CA ILE A 112 -4.05 31.22 5.04
C ILE A 112 -4.19 29.83 4.43
N ALA A 113 -3.06 29.14 4.23
CA ALA A 113 -3.11 27.88 3.49
C ALA A 113 -2.14 26.85 4.06
N VAL A 114 -2.58 25.59 4.01
CA VAL A 114 -1.68 24.46 4.21
C VAL A 114 -0.72 24.40 3.03
N LYS A 115 0.56 24.23 3.32
CA LYS A 115 1.56 24.04 2.27
C LYS A 115 1.78 22.53 2.11
N VAL A 116 1.24 21.95 1.04
CA VAL A 116 1.51 20.57 0.67
C VAL A 116 2.74 20.51 -0.21
N GLU A 117 3.67 19.61 0.12
CA GLU A 117 4.79 19.36 -0.78
C GLU A 117 4.26 18.68 -2.05
N ALA A 118 4.61 19.24 -3.21
CA ALA A 118 3.97 18.82 -4.46
C ALA A 118 4.33 17.39 -4.83
N SER A 119 3.32 16.60 -5.19
CA SER A 119 3.51 15.21 -5.65
C SER A 119 4.35 14.40 -4.65
N LYS A 120 4.07 14.57 -3.36
CA LYS A 120 4.69 13.75 -2.34
C LYS A 120 3.61 13.09 -1.48
N GLY A 121 2.50 12.70 -2.12
CA GLY A 121 1.51 11.83 -1.52
C GLY A 121 0.21 12.51 -1.16
N LEU A 122 0.21 13.82 -0.97
CA LEU A 122 -0.95 14.54 -0.48
C LEU A 122 -1.54 15.45 -1.55
N GLN A 123 -2.81 15.77 -1.35
CA GLN A 123 -3.61 16.52 -2.29
C GLN A 123 -4.50 17.50 -1.53
N VAL A 124 -4.90 18.57 -2.19
CA VAL A 124 -5.73 19.61 -1.58
C VAL A 124 -6.71 20.17 -2.59
N THR A 125 -7.99 20.13 -2.23
CA THR A 125 -9.06 20.67 -3.04
C THR A 125 -9.94 21.54 -2.17
N ALA A 126 -10.94 22.15 -2.80
CA ALA A 126 -11.96 22.87 -2.05
C ALA A 126 -12.65 21.96 -1.05
N SER A 127 -12.53 20.64 -1.21
CA SER A 127 -13.16 19.71 -0.30
C SER A 127 -12.29 19.43 0.91
N GLY A 128 -11.01 19.76 0.84
CA GLY A 128 -10.12 19.57 1.96
C GLY A 128 -8.82 18.92 1.52
N VAL A 129 -8.08 18.44 2.47
CA VAL A 129 -6.85 17.72 2.21
C VAL A 129 -7.18 16.24 2.15
N SER A 130 -6.49 15.51 1.27
CA SER A 130 -6.72 14.09 1.08
C SER A 130 -5.42 13.42 0.66
N VAL A 131 -5.43 12.11 0.71
CA VAL A 131 -4.34 11.32 0.17
C VAL A 131 -4.58 11.12 -1.31
N GLN A 132 -3.52 11.20 -2.12
CA GLN A 132 -3.60 10.93 -3.56
C GLN A 132 -3.19 9.47 -3.79
N ALA A 133 -4.15 8.65 -4.19
CA ALA A 133 -3.93 7.21 -4.36
C ALA A 133 -3.35 6.93 -5.73
N GLY A 134 -2.14 6.38 -5.77
CA GLY A 134 -1.53 5.90 -7.00
C GLY A 134 -1.84 4.43 -7.24
N ASP A 135 -1.06 3.83 -8.15
CA ASP A 135 -1.26 2.45 -8.57
C ASP A 135 -1.22 1.48 -7.38
N GLY A 136 -2.28 0.68 -7.24
CA GLY A 136 -2.34 -0.31 -6.19
C GLY A 136 -2.73 0.23 -4.84
N ILE A 137 -3.18 1.47 -4.77
CA ILE A 137 -3.73 2.07 -3.56
C ILE A 137 -5.12 2.58 -3.89
N SER A 138 -6.03 2.43 -2.96
CA SER A 138 -7.36 3.02 -3.08
C SER A 138 -7.68 3.77 -1.80
N VAL A 139 -8.47 4.82 -1.93
CA VAL A 139 -8.89 5.60 -0.78
C VAL A 139 -10.42 5.59 -0.72
N ALA A 140 -10.94 5.25 0.44
CA ALA A 140 -12.38 5.23 0.67
C ALA A 140 -12.60 5.63 2.12
N GLY A 141 -13.84 5.48 2.60
CA GLY A 141 -14.13 5.83 3.99
C GLY A 141 -13.33 5.02 4.98
N THR A 142 -12.96 3.79 4.60
CA THR A 142 -12.16 2.95 5.48
C THR A 142 -10.74 3.48 5.67
N GLY A 143 -10.27 4.36 4.79
CA GLY A 143 -8.92 4.87 4.90
C GLY A 143 -8.07 4.54 3.68
N VAL A 144 -6.74 4.60 3.86
CA VAL A 144 -5.83 4.27 2.77
C VAL A 144 -5.63 2.77 2.72
N ALA A 145 -5.85 2.19 1.55
CA ALA A 145 -5.91 0.74 1.43
C ALA A 145 -5.16 0.27 0.21
N VAL A 146 -4.82 -1.02 0.23
CA VAL A 146 -4.25 -1.68 -0.93
C VAL A 146 -5.39 -2.13 -1.83
N LYS A 147 -5.28 -1.82 -3.12
CA LYS A 147 -6.14 -2.43 -4.13
C LYS A 147 -5.37 -3.57 -4.78
N VAL A 148 -5.98 -4.74 -4.83
CA VAL A 148 -5.45 -5.89 -5.55
C VAL A 148 -6.30 -6.11 -6.78
N GLU A 149 -5.67 -6.51 -7.88
CA GLU A 149 -6.45 -6.84 -9.05
C GLU A 149 -7.14 -8.18 -8.86
N ALA A 150 -8.34 -8.27 -9.41
CA ALA A 150 -9.23 -9.40 -9.15
C ALA A 150 -8.57 -10.74 -9.48
N SER A 151 -8.19 -10.92 -10.74
CA SER A 151 -7.86 -12.25 -11.23
C SER A 151 -6.40 -12.62 -11.07
N LYS A 152 -5.63 -11.81 -10.37
CA LYS A 152 -4.18 -11.97 -10.35
C LYS A 152 -3.71 -12.65 -9.08
N GLY A 153 -4.64 -13.16 -8.28
CA GLY A 153 -4.33 -14.09 -7.21
C GLY A 153 -4.09 -13.51 -5.83
N LEU A 154 -4.37 -12.23 -5.62
CA LEU A 154 -4.09 -11.62 -4.33
C LEU A 154 -5.35 -11.34 -3.55
N GLN A 155 -5.20 -11.32 -2.22
CA GLN A 155 -6.23 -10.92 -1.26
C GLN A 155 -5.75 -9.76 -0.39
N VAL A 156 -6.68 -8.89 -0.01
CA VAL A 156 -6.43 -7.95 1.06
C VAL A 156 -7.54 -8.05 2.11
N THR A 157 -7.17 -8.35 3.35
CA THR A 157 -8.06 -8.40 4.49
C THR A 157 -7.50 -7.50 5.60
N SER A 158 -8.24 -7.42 6.71
CA SER A 158 -7.76 -6.64 7.84
C SER A 158 -6.46 -7.21 8.40
N ASN A 159 -6.13 -8.46 8.08
CA ASN A 159 -4.87 -9.04 8.50
C ASN A 159 -3.75 -8.76 7.51
N GLY A 160 -4.05 -8.12 6.39
CA GLY A 160 -3.04 -7.67 5.46
C GLY A 160 -3.27 -8.24 4.07
N VAL A 161 -2.28 -8.04 3.24
CA VAL A 161 -2.30 -8.50 1.87
C VAL A 161 -1.72 -9.90 1.82
N GLY A 162 -2.37 -10.80 1.08
CA GLY A 162 -1.89 -12.15 0.95
C GLY A 162 -2.33 -12.75 -0.35
N LEU A 163 -1.91 -14.00 -0.57
CA LEU A 163 -2.36 -14.77 -1.72
C LEU A 163 -3.77 -15.30 -1.46
N ASN A 164 -4.65 -15.18 -2.45
CA ASN A 164 -5.95 -15.82 -2.29
C ASN A 164 -5.82 -17.33 -2.49
N ASN A 165 -6.96 -18.02 -2.35
CA ASN A 165 -7.02 -19.47 -2.29
C ASN A 165 -7.12 -20.14 -3.66
N THR A 166 -7.14 -19.35 -4.74
CA THR A 166 -7.08 -19.88 -6.11
C THR A 166 -5.86 -19.38 -6.86
N ALA A 167 -4.92 -18.70 -6.19
CA ALA A 167 -3.71 -18.22 -6.86
C ALA A 167 -2.97 -19.36 -7.58
N TRP A 168 -3.09 -20.58 -7.06
CA TRP A 168 -2.35 -21.71 -7.62
C TRP A 168 -2.79 -21.96 -9.07
N ILE A 169 -4.03 -21.64 -9.40
CA ILE A 169 -4.54 -21.84 -10.76
C ILE A 169 -3.78 -20.96 -11.75
N LYS A 170 -3.64 -19.67 -11.43
CA LYS A 170 -2.86 -18.79 -12.30
C LYS A 170 -1.43 -19.31 -12.43
N MET A 171 -0.89 -19.87 -11.35
CA MET A 171 0.47 -20.37 -11.37
C MET A 171 0.62 -21.57 -12.28
N MET A 172 -0.30 -22.53 -12.16
CA MET A 172 -0.23 -23.72 -13.00
C MET A 172 -0.51 -23.39 -14.45
N CYS A 173 -1.30 -22.34 -14.70
CA CYS A 173 -1.56 -21.94 -16.07
C CYS A 173 -0.30 -21.38 -16.73
N GLY A 174 0.48 -20.59 -15.98
CA GLY A 174 1.74 -20.08 -16.53
C GLY A 174 2.82 -21.14 -16.64
N LEU A 175 2.87 -22.08 -15.70
CA LEU A 175 3.85 -23.15 -15.75
C LEU A 175 3.75 -23.93 -17.06
N HIS A 176 2.56 -24.41 -17.37
CA HIS A 176 2.34 -25.12 -18.62
C HIS A 176 2.01 -24.21 -19.79
N ASN A 177 1.97 -22.90 -19.58
CA ASN A 177 1.53 -21.98 -20.62
C ASN A 177 0.18 -22.42 -21.22
N ALA A 178 -0.78 -22.65 -20.33
CA ALA A 178 -2.12 -23.09 -20.70
C ALA A 178 -3.06 -21.90 -20.84
N THR A 179 -3.93 -21.94 -21.85
CA THR A 179 -4.99 -20.93 -21.94
C THR A 179 -6.35 -21.38 -21.42
N PHE A 180 -6.51 -22.65 -21.01
CA PHE A 180 -7.77 -23.13 -20.45
C PHE A 180 -7.54 -24.17 -19.35
N TYR A 181 -8.46 -24.20 -18.39
CA TYR A 181 -8.42 -25.21 -17.34
C TYR A 181 -9.82 -25.59 -16.91
N VAL A 182 -9.89 -26.74 -16.24
CA VAL A 182 -10.97 -27.10 -15.35
C VAL A 182 -10.35 -27.39 -13.98
N SER A 183 -11.17 -27.22 -12.93
CA SER A 183 -10.76 -27.59 -11.59
C SER A 183 -12.00 -27.95 -10.79
N ASP A 184 -12.10 -29.18 -10.28
CA ASP A 184 -13.11 -29.49 -9.28
C ASP A 184 -12.42 -30.28 -8.18
N THR A 185 -13.20 -31.05 -7.45
CA THR A 185 -12.71 -31.54 -6.17
C THR A 185 -11.75 -32.71 -6.34
N TYR A 186 -11.66 -33.30 -7.53
CA TYR A 186 -10.87 -34.50 -7.74
C TYR A 186 -9.78 -34.38 -8.80
N VAL A 187 -9.85 -33.38 -9.67
CA VAL A 187 -8.83 -33.14 -10.67
C VAL A 187 -8.75 -31.65 -10.91
N CYS A 188 -7.60 -31.23 -11.43
CA CYS A 188 -7.53 -30.03 -12.23
C CYS A 188 -6.70 -30.38 -13.47
N VAL A 189 -7.00 -29.68 -14.56
CA VAL A 189 -6.48 -30.03 -15.88
C VAL A 189 -6.15 -28.73 -16.59
N PHE A 190 -5.03 -28.69 -17.29
CA PHE A 190 -4.60 -27.45 -17.90
C PHE A 190 -4.37 -27.73 -19.37
N PHE A 191 -5.02 -26.91 -20.21
CA PHE A 191 -5.22 -27.21 -21.63
C PHE A 191 -4.34 -26.33 -22.51
N CYS A 192 -3.69 -26.95 -23.50
CA CYS A 192 -2.77 -26.27 -24.40
C CYS A 192 -3.17 -26.60 -25.83
N ASN A 193 -3.58 -25.58 -26.58
CA ASN A 193 -4.01 -25.78 -27.96
C ASN A 193 -2.80 -25.75 -28.88
N HIS A 194 -2.69 -26.73 -29.74
CA HIS A 194 -1.51 -26.80 -30.60
C HIS A 194 -1.84 -27.74 -31.75
N SER A 195 -1.27 -27.44 -32.91
CA SER A 195 -1.49 -28.22 -34.14
C SER A 195 -3.00 -28.26 -34.38
N THR A 196 -3.60 -29.43 -34.63
CA THR A 196 -5.01 -29.58 -34.95
C THR A 196 -5.88 -29.90 -33.74
N GLY A 197 -5.31 -30.04 -32.55
CA GLY A 197 -6.09 -30.35 -31.36
C GLY A 197 -5.61 -29.64 -30.12
N CYS A 198 -5.54 -30.36 -28.99
CA CYS A 198 -4.85 -29.80 -27.82
C CYS A 198 -4.35 -30.95 -26.95
N THR A 199 -3.46 -30.60 -26.02
CA THR A 199 -2.94 -31.56 -25.05
C THR A 199 -2.98 -30.94 -23.66
N ALA A 200 -3.33 -31.77 -22.67
CA ALA A 200 -3.57 -31.32 -21.30
C ALA A 200 -2.63 -31.97 -20.29
N TYR A 201 -2.24 -31.16 -19.29
CA TYR A 201 -1.44 -31.56 -18.13
C TYR A 201 -2.39 -31.74 -16.94
N VAL A 202 -2.32 -32.90 -16.28
CA VAL A 202 -3.35 -33.33 -15.32
C VAL A 202 -2.74 -33.47 -13.93
N TYR A 203 -3.44 -32.94 -12.93
CA TYR A 203 -3.04 -33.17 -11.54
C TYR A 203 -4.23 -33.69 -10.76
N GLY A 204 -3.98 -34.71 -9.93
CA GLY A 204 -5.00 -35.20 -9.03
C GLY A 204 -5.24 -34.28 -7.86
N ARG A 205 -6.45 -34.37 -7.30
CA ARG A 205 -6.81 -33.61 -6.10
C ARG A 205 -7.58 -34.52 -5.14
N GLY A 206 -7.56 -34.13 -3.87
CA GLY A 206 -8.28 -34.82 -2.81
C GLY A 206 -7.97 -36.30 -2.65
N GLY A 207 -6.75 -36.73 -3.02
CA GLY A 207 -6.38 -38.13 -3.01
C GLY A 207 -6.57 -38.86 -4.33
N TYR A 208 -7.15 -38.21 -5.33
CA TYR A 208 -7.62 -38.90 -6.51
C TYR A 208 -6.62 -38.79 -7.66
N TYR A 209 -6.89 -39.55 -8.72
CA TYR A 209 -6.08 -39.50 -9.92
C TYR A 209 -6.97 -39.73 -11.14
N LEU A 210 -6.49 -39.32 -12.31
CA LEU A 210 -7.24 -39.45 -13.56
C LEU A 210 -7.07 -40.83 -14.20
N SER A 211 -8.18 -41.48 -14.49
CA SER A 211 -8.11 -42.72 -15.24
C SER A 211 -7.59 -42.43 -16.64
N MET A 212 -6.94 -43.43 -17.22
CA MET A 212 -6.37 -43.33 -18.55
C MET A 212 -6.94 -44.38 -19.50
N TYR A 213 -7.96 -45.13 -19.06
CA TYR A 213 -8.68 -46.03 -19.96
C TYR A 213 -9.42 -45.26 -21.04
N LYS A 214 -9.43 -45.81 -22.24
CA LYS A 214 -10.09 -45.16 -23.35
C LYS A 214 -11.58 -45.05 -23.07
N GLY A 215 -12.13 -43.87 -23.29
CA GLY A 215 -13.52 -43.62 -22.98
C GLY A 215 -13.75 -42.98 -21.64
N ASP A 216 -12.72 -42.89 -20.80
CA ASP A 216 -12.83 -42.33 -19.47
C ASP A 216 -12.45 -40.85 -19.41
N VAL A 217 -11.98 -40.27 -20.50
CA VAL A 217 -11.57 -38.86 -20.53
C VAL A 217 -12.13 -38.28 -21.82
N LYS A 218 -13.13 -37.42 -21.71
CA LYS A 218 -13.79 -36.84 -22.87
C LYS A 218 -13.67 -35.33 -22.85
N LEU A 219 -13.20 -34.76 -23.96
CA LEU A 219 -13.32 -33.34 -24.22
C LEU A 219 -14.35 -33.18 -25.34
N ASN A 220 -15.33 -32.29 -25.12
CA ASN A 220 -16.39 -32.06 -26.10
C ASN A 220 -17.05 -33.35 -26.55
N SER A 221 -17.19 -34.30 -25.61
CA SER A 221 -17.73 -35.64 -25.82
C SER A 221 -16.81 -36.55 -26.61
N VAL A 222 -15.66 -36.07 -27.09
CA VAL A 222 -14.69 -36.90 -27.81
C VAL A 222 -13.75 -37.61 -26.84
N ASP A 223 -13.53 -38.90 -27.09
CA ASP A 223 -12.46 -39.64 -26.42
C ASP A 223 -11.08 -39.10 -26.81
N HIS A 224 -10.11 -39.33 -25.92
CA HIS A 224 -8.75 -38.89 -26.16
C HIS A 224 -8.06 -39.77 -27.20
N ASN A 225 -7.00 -39.23 -27.80
CA ASN A 225 -6.14 -40.00 -28.71
C ASN A 225 -5.00 -40.68 -27.96
N GLU A 226 -4.05 -39.91 -27.45
CA GLU A 226 -2.86 -40.42 -26.77
C GLU A 226 -2.86 -39.94 -25.32
N ILE A 227 -2.17 -40.68 -24.46
CA ILE A 227 -2.12 -40.31 -23.06
C ILE A 227 -0.79 -40.79 -22.49
N ILE A 228 -0.31 -40.09 -21.45
CA ILE A 228 0.97 -40.37 -20.79
C ILE A 228 0.71 -40.48 -19.29
N SER A 229 1.29 -41.50 -18.64
CA SER A 229 0.85 -41.83 -17.29
C SER A 229 2.01 -42.16 -16.33
N MET A 230 1.67 -42.13 -15.06
CA MET A 230 2.52 -42.70 -14.04
C MET A 230 1.93 -44.06 -13.67
N VAL A 231 2.78 -44.99 -13.29
CA VAL A 231 2.38 -46.39 -13.17
C VAL A 231 2.30 -46.78 -11.70
N GLY A 232 1.27 -47.53 -11.36
CA GLY A 232 1.14 -48.05 -10.02
C GLY A 232 1.27 -49.55 -10.00
N SER A 233 0.51 -50.23 -9.17
CA SER A 233 0.61 -51.68 -9.06
C SER A 233 -0.34 -52.36 -10.02
N GLY A 234 0.14 -53.42 -10.67
CA GLY A 234 -0.68 -54.14 -11.64
C GLY A 234 -1.14 -53.19 -12.74
N SER A 235 -2.45 -53.03 -12.86
CA SER A 235 -3.05 -52.20 -13.91
C SER A 235 -3.36 -50.77 -13.43
N ILE A 236 -2.87 -50.36 -12.25
CA ILE A 236 -3.09 -48.98 -11.82
C ILE A 236 -2.24 -48.05 -12.67
N ALA A 237 -2.85 -47.01 -13.20
CA ALA A 237 -2.11 -46.01 -13.97
C ALA A 237 -2.87 -44.70 -13.92
N ALA A 238 -2.11 -43.62 -13.80
CA ALA A 238 -2.67 -42.29 -13.60
C ALA A 238 -2.29 -41.42 -14.77
N ALA A 239 -3.30 -40.93 -15.49
CA ALA A 239 -3.04 -40.02 -16.60
C ALA A 239 -2.36 -38.75 -16.11
N THR A 240 -1.23 -38.38 -16.75
CA THR A 240 -0.61 -37.08 -16.49
C THR A 240 -0.68 -36.16 -17.69
N MET A 241 -0.79 -36.72 -18.88
CA MET A 241 -0.91 -35.90 -20.07
C MET A 241 -1.88 -36.60 -20.97
N VAL A 242 -2.87 -35.86 -21.47
CA VAL A 242 -3.93 -36.39 -22.31
C VAL A 242 -4.04 -35.54 -23.58
N SER A 243 -4.23 -36.19 -24.72
CA SER A 243 -4.20 -35.50 -26.00
C SER A 243 -5.44 -35.82 -26.82
N TRP A 244 -5.93 -34.81 -27.56
CA TRP A 244 -6.96 -34.95 -28.61
C TRP A 244 -6.43 -34.34 -29.91
N LYS A 245 -6.21 -35.20 -30.91
CA LYS A 245 -5.61 -34.76 -32.17
C LYS A 245 -6.43 -33.67 -32.85
N SER A 246 -7.75 -33.68 -32.70
CA SER A 246 -8.56 -32.80 -33.53
C SER A 246 -9.65 -32.12 -32.74
N THR A 247 -9.40 -31.79 -31.47
CA THR A 247 -10.38 -31.09 -30.64
C THR A 247 -9.68 -29.97 -29.89
N LYS A 248 -10.22 -28.77 -29.98
CA LYS A 248 -9.62 -27.61 -29.37
C LYS A 248 -10.29 -27.30 -28.03
N ALA A 249 -9.49 -26.86 -27.08
CA ALA A 249 -10.01 -26.32 -25.83
C ALA A 249 -10.51 -24.91 -26.06
N ALA A 250 -11.55 -24.55 -25.31
CA ALA A 250 -12.24 -23.28 -25.45
C ALA A 250 -13.19 -23.14 -24.27
N ALA A 251 -13.43 -21.90 -23.86
CA ALA A 251 -14.32 -21.66 -22.73
C ALA A 251 -15.69 -22.23 -23.05
N GLY A 252 -16.22 -23.04 -22.13
CA GLY A 252 -17.54 -23.58 -22.27
C GLY A 252 -17.60 -25.02 -22.77
N ILE A 253 -16.54 -25.52 -23.40
CA ILE A 253 -16.50 -26.92 -23.76
C ILE A 253 -16.66 -27.75 -22.48
N SER A 254 -17.19 -28.96 -22.60
CA SER A 254 -17.31 -29.82 -21.43
C SER A 254 -16.10 -30.75 -21.31
N PHE A 255 -15.71 -31.00 -20.08
CA PHE A 255 -14.68 -31.98 -19.76
C PHE A 255 -15.33 -33.03 -18.86
N LYS A 256 -15.42 -34.26 -19.35
CA LYS A 256 -15.95 -35.38 -18.61
C LYS A 256 -14.82 -36.36 -18.33
N TYR A 257 -14.92 -37.09 -17.22
CA TYR A 257 -13.75 -37.83 -16.76
C TYR A 257 -14.12 -38.81 -15.65
N LEU A 258 -13.28 -39.81 -15.52
CA LEU A 258 -13.39 -40.80 -14.47
C LEU A 258 -12.22 -40.60 -13.50
N GLY A 259 -12.52 -40.07 -12.31
CA GLY A 259 -11.52 -39.98 -11.25
C GLY A 259 -11.51 -41.23 -10.39
N LYS A 260 -10.31 -41.64 -9.97
CA LYS A 260 -10.13 -42.85 -9.19
C LYS A 260 -9.16 -42.58 -8.05
N ASN A 261 -9.05 -43.54 -7.13
CA ASN A 261 -8.21 -43.39 -5.94
C ASN A 261 -7.58 -44.72 -5.59
N LEU A 262 -6.62 -44.67 -4.67
CA LEU A 262 -5.83 -45.84 -4.31
C LEU A 262 -6.36 -46.57 -3.09
N ILE A 263 -7.41 -46.06 -2.44
CA ILE A 263 -7.91 -46.70 -1.23
C ILE A 263 -9.09 -47.60 -1.55
N THR A 264 -10.12 -47.06 -2.21
CA THR A 264 -11.27 -47.83 -2.67
C THR A 264 -11.21 -48.01 -4.18
N SER A 265 -11.98 -48.99 -4.68
CA SER A 265 -12.06 -49.33 -6.09
C SER A 265 -13.06 -48.47 -6.87
N THR A 266 -13.72 -47.54 -6.22
CA THR A 266 -14.80 -46.77 -6.82
C THR A 266 -14.26 -45.61 -7.68
N SER A 267 -15.13 -45.11 -8.55
CA SER A 267 -14.83 -44.06 -9.49
C SER A 267 -15.71 -42.86 -9.19
N HIS A 268 -15.23 -41.67 -9.55
CA HIS A 268 -16.09 -40.50 -9.58
C HIS A 268 -16.29 -40.11 -11.04
N SER A 269 -17.50 -39.72 -11.38
CA SER A 269 -17.92 -39.47 -12.75
C SER A 269 -18.09 -37.97 -12.90
N GLY A 270 -17.06 -37.29 -13.39
CA GLY A 270 -17.07 -35.85 -13.42
C GLY A 270 -17.58 -35.34 -14.75
N SER A 271 -18.28 -34.20 -14.67
CA SER A 271 -18.71 -33.46 -15.86
C SER A 271 -18.65 -31.97 -15.52
N VAL A 272 -17.55 -31.32 -15.89
CA VAL A 272 -17.37 -29.89 -15.65
C VAL A 272 -17.18 -29.22 -16.99
N THR A 273 -16.87 -27.92 -17.01
CA THR A 273 -16.65 -27.22 -18.28
C THR A 273 -15.48 -26.25 -18.17
N LEU A 274 -14.78 -26.10 -19.30
CA LEU A 274 -13.53 -25.34 -19.35
C LEU A 274 -13.74 -23.85 -19.13
N VAL A 275 -12.80 -23.23 -18.44
CA VAL A 275 -12.74 -21.81 -18.18
C VAL A 275 -11.43 -21.27 -18.75
N ALA A 276 -11.41 -20.02 -19.18
CA ALA A 276 -10.18 -19.41 -19.66
C ALA A 276 -9.18 -19.25 -18.53
N ALA A 277 -7.90 -19.28 -18.89
CA ALA A 277 -6.84 -19.10 -17.91
C ALA A 277 -6.89 -17.67 -17.34
N PRO A 278 -6.58 -17.49 -16.06
CA PRO A 278 -6.60 -16.20 -15.36
C PRO A 278 -5.63 -15.18 -15.95
N ARG B 37 -18.23 59.10 5.92
CA ARG B 37 -16.99 59.77 6.28
C ARG B 37 -15.83 58.81 6.64
N ALA B 38 -14.70 58.99 5.97
CA ALA B 38 -13.44 58.37 6.36
C ALA B 38 -12.62 59.36 7.18
N LEU B 39 -12.05 58.88 8.27
CA LEU B 39 -11.38 59.76 9.21
C LEU B 39 -10.18 60.40 8.53
N PRO B 40 -9.82 61.61 8.95
CA PRO B 40 -8.58 62.22 8.46
C PRO B 40 -7.37 61.38 8.80
N GLN B 41 -6.29 61.62 8.05
CA GLN B 41 -5.02 61.03 8.41
C GLN B 41 -4.43 61.77 9.61
N ALA B 42 -3.34 61.20 10.14
CA ALA B 42 -2.78 61.68 11.40
C ALA B 42 -2.26 63.10 11.25
N ASP B 43 -1.38 63.32 10.26
CA ASP B 43 -0.82 64.63 10.02
C ASP B 43 -1.91 65.68 9.89
N ALA B 44 -3.01 65.34 9.22
CA ALA B 44 -4.11 66.28 9.04
C ALA B 44 -4.85 66.51 10.35
N LEU B 45 -5.14 65.43 11.08
CA LEU B 45 -5.84 65.61 12.34
C LEU B 45 -4.98 66.45 13.30
N LYS B 46 -3.66 66.29 13.23
CA LYS B 46 -2.78 67.02 14.13
C LYS B 46 -2.93 68.53 13.96
N GLU B 47 -2.86 69.02 12.72
CA GLU B 47 -2.94 70.47 12.57
C GLU B 47 -4.29 71.03 12.98
N ARG B 48 -5.31 70.19 13.19
CA ARG B 48 -6.52 70.67 13.83
C ARG B 48 -6.31 71.00 15.31
N PHE B 49 -5.25 70.48 15.92
CA PHE B 49 -4.95 70.71 17.32
C PHE B 49 -3.63 71.47 17.45
N LYS B 50 -3.31 72.23 16.41
CA LYS B 50 -2.14 73.09 16.41
C LYS B 50 -2.37 74.28 17.35
N ALA B 51 -1.26 74.79 17.89
CA ALA B 51 -1.30 76.01 18.68
C ALA B 51 -2.01 77.12 17.93
N GLY B 52 -2.92 77.81 18.63
CA GLY B 52 -3.72 78.83 17.98
C GLY B 52 -4.69 78.30 16.94
N SER B 53 -5.12 77.06 17.08
CA SER B 53 -6.22 76.53 16.27
C SER B 53 -7.44 76.28 17.16
N ILE B 54 -8.62 76.49 16.59
CA ILE B 54 -9.87 76.38 17.35
C ILE B 54 -10.41 74.97 17.14
N PRO B 55 -10.07 74.02 18.01
CA PRO B 55 -10.52 72.63 17.79
C PRO B 55 -12.03 72.56 17.97
N LEU B 56 -12.73 72.16 16.93
CA LEU B 56 -14.17 72.07 16.98
C LEU B 56 -14.61 70.70 17.49
N GLN B 57 -15.88 70.65 17.89
CA GLN B 57 -16.59 69.41 18.14
C GLN B 57 -16.26 68.34 17.11
N THR B 58 -16.22 68.71 15.84
CA THR B 58 -16.01 67.73 14.78
C THR B 58 -14.57 67.25 14.75
N ASP B 59 -13.63 68.06 15.22
CA ASP B 59 -12.25 67.60 15.32
C ASP B 59 -12.11 66.56 16.41
N PHE B 60 -12.73 66.81 17.58
CA PHE B 60 -12.79 65.81 18.63
C PHE B 60 -13.59 64.59 18.18
N ALA B 61 -14.67 64.80 17.43
CA ALA B 61 -15.41 63.65 16.93
C ALA B 61 -14.51 62.76 16.09
N ASP B 62 -13.59 63.38 15.35
CA ASP B 62 -12.66 62.65 14.49
C ASP B 62 -11.61 61.91 15.33
N LEU B 63 -11.14 62.54 16.40
CA LEU B 63 -10.23 61.90 17.32
C LEU B 63 -10.86 60.66 17.95
N VAL B 64 -12.10 60.78 18.46
CA VAL B 64 -12.79 59.65 19.09
C VAL B 64 -12.93 58.48 18.10
N ASP B 65 -13.42 58.76 16.89
CA ASP B 65 -13.63 57.68 15.94
C ASP B 65 -12.29 57.06 15.53
N LEU B 66 -11.25 57.89 15.37
CA LEU B 66 -9.91 57.37 15.16
C LEU B 66 -9.52 56.41 16.29
N ALA B 67 -9.57 56.88 17.54
CA ALA B 67 -9.28 56.03 18.70
C ALA B 67 -10.14 54.78 18.72
N ASN B 68 -11.35 54.86 18.19
CA ASN B 68 -12.28 53.75 18.28
C ASN B 68 -11.98 52.60 17.34
N MET B 69 -11.04 52.76 16.40
CA MET B 69 -10.88 51.73 15.38
C MET B 69 -10.25 50.47 15.96
N GLY B 70 -9.36 50.62 16.95
CA GLY B 70 -8.78 49.45 17.59
C GLY B 70 -9.82 48.63 18.31
N ARG B 71 -10.83 49.30 18.87
CA ARG B 71 -11.90 48.57 19.54
C ARG B 71 -12.83 47.92 18.51
N GLN B 72 -13.10 48.61 17.40
CA GLN B 72 -13.88 47.99 16.35
C GLN B 72 -13.16 46.78 15.79
N ALA B 73 -11.83 46.89 15.67
CA ALA B 73 -11.07 45.83 15.04
C ALA B 73 -11.17 44.52 15.83
N VAL B 74 -11.22 44.62 17.16
CA VAL B 74 -11.38 43.45 18.02
C VAL B 74 -12.83 43.18 18.34
N GLY B 75 -13.77 43.81 17.64
CA GLY B 75 -15.19 43.59 17.87
C GLY B 75 -15.74 44.07 19.20
N GLY B 76 -15.33 45.24 19.68
CA GLY B 76 -15.72 45.71 21.00
C GLY B 76 -16.72 46.84 21.09
N THR B 77 -17.28 47.31 19.98
CA THR B 77 -18.26 48.37 20.07
C THR B 77 -19.68 47.79 20.22
N GLU B 78 -20.57 48.63 20.73
CA GLU B 78 -21.98 48.27 20.86
C GLU B 78 -22.49 47.71 19.54
N GLY B 79 -23.23 46.60 19.61
CA GLY B 79 -23.69 45.95 18.42
C GLY B 79 -22.71 44.98 17.79
N GLN B 80 -21.50 44.89 18.32
CA GLN B 80 -20.54 43.89 17.87
C GLN B 80 -20.56 42.71 18.82
N THR B 81 -20.10 41.56 18.32
CA THR B 81 -20.22 40.32 19.06
C THR B 81 -18.87 39.83 19.59
N GLY B 82 -17.87 40.71 19.66
CA GLY B 82 -16.57 40.32 20.17
C GLY B 82 -15.61 39.90 19.08
N PRO B 83 -14.44 39.36 19.49
CA PRO B 83 -13.40 39.04 18.49
C PRO B 83 -13.91 38.03 17.48
N ALA B 84 -13.56 38.25 16.21
CA ALA B 84 -13.98 37.37 15.14
C ALA B 84 -13.51 35.94 15.39
N ASN B 85 -14.04 35.02 14.59
CA ASN B 85 -13.62 33.63 14.71
C ASN B 85 -12.13 33.52 14.42
N GLY B 86 -11.43 32.73 15.24
CA GLY B 86 -9.99 32.58 15.11
C GLY B 86 -9.18 33.47 16.03
N PHE B 87 -9.83 34.41 16.71
CA PHE B 87 -9.18 35.39 17.56
C PHE B 87 -9.65 35.20 19.00
N THR B 88 -8.74 35.41 19.96
CA THR B 88 -9.14 35.73 21.32
C THR B 88 -8.51 37.05 21.74
N LEU B 89 -9.08 37.65 22.77
CA LEU B 89 -8.57 38.86 23.37
C LEU B 89 -8.27 38.56 24.83
N SER B 90 -7.00 38.69 25.22
CA SER B 90 -6.58 38.41 26.58
C SER B 90 -7.04 39.49 27.57
N LEU B 91 -6.92 39.20 28.87
CA LEU B 91 -7.23 40.23 29.85
C LEU B 91 -6.26 41.39 29.78
N GLU B 92 -5.00 41.16 29.42
CA GLU B 92 -4.10 42.28 29.20
C GLU B 92 -4.57 43.17 28.06
N GLY B 93 -5.43 42.65 27.19
CA GLY B 93 -5.89 43.37 26.02
C GLY B 93 -5.26 42.93 24.71
N ARG B 94 -4.47 41.85 24.70
CA ARG B 94 -3.77 41.41 23.51
C ARG B 94 -4.68 40.60 22.58
N LEU B 95 -4.58 40.89 21.28
CA LEU B 95 -5.23 40.05 20.28
C LEU B 95 -4.41 38.76 20.14
N GLU B 96 -5.08 37.62 20.22
CA GLU B 96 -4.41 36.34 20.23
C GLU B 96 -5.08 35.37 19.26
N LEU B 97 -4.26 34.50 18.68
CA LEU B 97 -4.77 33.50 17.76
C LEU B 97 -5.36 32.35 18.56
N LYS B 98 -6.47 31.83 18.06
CA LYS B 98 -7.19 30.70 18.65
C LYS B 98 -7.05 29.51 17.71
N PRO B 99 -5.99 28.71 17.83
CA PRO B 99 -5.89 27.50 17.01
C PRO B 99 -6.76 26.40 17.61
N ASN B 100 -7.57 25.76 16.77
CA ASN B 100 -8.28 24.55 17.18
C ASN B 100 -7.29 23.41 17.35
N ALA B 101 -6.74 23.25 18.57
CA ALA B 101 -5.66 22.29 18.77
C ALA B 101 -6.11 20.86 18.58
N ALA B 102 -7.42 20.60 18.62
CA ALA B 102 -7.94 19.29 18.30
C ALA B 102 -8.08 19.03 16.82
N LYS B 103 -7.87 20.04 15.97
CA LYS B 103 -8.11 19.88 14.55
C LYS B 103 -6.88 20.29 13.74
N GLY B 104 -5.70 20.10 14.31
CA GLY B 104 -4.49 20.05 13.51
C GLY B 104 -3.67 21.31 13.38
N ILE B 105 -3.94 22.33 14.19
CA ILE B 105 -3.21 23.60 14.12
C ILE B 105 -2.65 23.92 15.49
N VAL B 106 -1.40 24.36 15.51
CA VAL B 106 -0.79 24.92 16.70
C VAL B 106 -0.11 26.23 16.33
N VAL B 107 -0.04 27.12 17.31
CA VAL B 107 0.66 28.38 17.17
C VAL B 107 1.72 28.43 18.25
N ASP B 108 2.96 28.67 17.87
CA ASP B 108 3.95 29.01 18.86
C ASP B 108 4.90 30.04 18.27
N LYS B 109 5.95 30.30 19.04
CA LYS B 109 6.99 31.28 18.77
C LYS B 109 7.59 31.16 17.36
N ASP B 110 7.51 29.99 16.70
CA ASP B 110 7.90 29.89 15.30
C ASP B 110 6.77 30.24 14.34
N GLY B 111 5.55 30.41 14.85
CA GLY B 111 4.43 30.86 14.04
C GLY B 111 3.30 29.83 14.01
N ILE B 112 2.52 29.91 12.94
CA ILE B 112 1.36 29.05 12.76
C ILE B 112 1.81 27.80 12.03
N ALA B 113 1.59 26.63 12.63
CA ALA B 113 2.11 25.37 12.13
C ALA B 113 0.99 24.33 12.08
N VAL B 114 1.08 23.43 11.10
CA VAL B 114 0.22 22.25 11.07
C VAL B 114 0.69 21.27 12.14
N LYS B 115 -0.24 20.73 12.91
CA LYS B 115 0.08 19.73 13.93
C LYS B 115 0.07 18.34 13.30
N VAL B 116 1.25 17.81 12.99
CA VAL B 116 1.39 16.45 12.47
C VAL B 116 1.62 15.50 13.63
N GLU B 117 0.80 14.45 13.74
CA GLU B 117 1.10 13.38 14.67
C GLU B 117 2.32 12.61 14.19
N ALA B 118 3.39 12.63 14.98
CA ALA B 118 4.69 12.17 14.51
C ALA B 118 4.72 10.66 14.31
N SER B 119 5.43 10.24 13.27
CA SER B 119 5.55 8.81 12.93
C SER B 119 4.17 8.16 12.84
N LYS B 120 3.23 8.85 12.21
CA LYS B 120 1.90 8.30 12.00
C LYS B 120 1.47 8.47 10.54
N GLY B 121 2.44 8.50 9.63
CA GLY B 121 2.16 8.52 8.20
C GLY B 121 2.41 9.84 7.52
N LEU B 122 2.65 10.91 8.28
CA LEU B 122 2.82 12.23 7.72
C LEU B 122 4.14 12.83 8.18
N GLN B 123 4.59 13.79 7.39
CA GLN B 123 5.93 14.31 7.41
C GLN B 123 5.83 15.76 6.98
N VAL B 124 6.61 16.64 7.60
CA VAL B 124 6.56 18.05 7.23
C VAL B 124 7.99 18.58 7.12
N THR B 125 8.26 19.29 6.03
CA THR B 125 9.54 19.92 5.78
C THR B 125 9.27 21.33 5.30
N ALA B 126 10.34 22.10 5.11
CA ALA B 126 10.22 23.39 4.44
C ALA B 126 9.45 23.28 3.14
N SER B 127 9.49 22.12 2.48
CA SER B 127 8.76 21.93 1.23
C SER B 127 7.26 21.80 1.46
N GLY B 128 6.83 21.48 2.67
CA GLY B 128 5.41 21.33 2.91
C GLY B 128 5.12 20.03 3.59
N VAL B 129 3.84 19.64 3.54
CA VAL B 129 3.39 18.41 4.17
C VAL B 129 3.29 17.31 3.11
N SER B 130 3.59 16.08 3.54
CA SER B 130 3.67 14.95 2.61
C SER B 130 3.50 13.65 3.40
N VAL B 131 3.28 12.57 2.65
CA VAL B 131 3.17 11.25 3.25
C VAL B 131 4.57 10.65 3.34
N GLN B 132 4.82 9.89 4.40
CA GLN B 132 6.11 9.27 4.63
C GLN B 132 6.06 7.81 4.22
N ALA B 133 6.92 7.42 3.27
CA ALA B 133 6.87 6.10 2.65
C ALA B 133 7.62 5.09 3.51
N GLY B 134 6.89 4.16 4.12
CA GLY B 134 7.48 3.02 4.79
C GLY B 134 7.70 1.85 3.85
N ASP B 135 7.90 0.68 4.45
CA ASP B 135 8.18 -0.52 3.67
C ASP B 135 6.98 -0.90 2.82
N GLY B 136 7.22 -1.08 1.52
CA GLY B 136 6.18 -1.51 0.60
C GLY B 136 5.42 -0.39 -0.08
N ILE B 137 5.59 0.84 0.38
CA ILE B 137 4.93 2.00 -0.20
C ILE B 137 5.99 2.86 -0.89
N SER B 138 5.65 3.39 -2.05
CA SER B 138 6.44 4.40 -2.70
C SER B 138 5.57 5.61 -3.01
N VAL B 139 6.17 6.79 -2.94
CA VAL B 139 5.45 8.04 -3.12
C VAL B 139 6.10 8.80 -4.26
N ALA B 140 5.29 9.25 -5.22
CA ALA B 140 5.83 9.96 -6.37
C ALA B 140 4.67 10.73 -7.01
N GLY B 141 4.87 11.13 -8.28
CA GLY B 141 3.91 12.01 -8.92
C GLY B 141 2.49 11.46 -8.93
N THR B 142 2.35 10.14 -9.11
CA THR B 142 1.02 9.53 -9.13
C THR B 142 0.37 9.54 -7.75
N GLY B 143 1.15 9.75 -6.70
CA GLY B 143 0.68 9.74 -5.34
C GLY B 143 1.25 8.58 -4.55
N VAL B 144 0.56 8.23 -3.47
CA VAL B 144 0.94 7.07 -2.68
C VAL B 144 0.66 5.82 -3.49
N ALA B 145 1.68 5.01 -3.71
CA ALA B 145 1.55 3.82 -4.54
C ALA B 145 2.28 2.64 -3.90
N VAL B 146 1.97 1.45 -4.39
CA VAL B 146 2.59 0.23 -3.91
C VAL B 146 3.90 0.04 -4.68
N LYS B 147 4.98 -0.21 -3.95
CA LYS B 147 6.26 -0.61 -4.53
C LYS B 147 6.42 -2.12 -4.37
N VAL B 148 6.78 -2.79 -5.46
CA VAL B 148 7.00 -4.24 -5.39
C VAL B 148 8.40 -4.54 -5.86
N GLU B 149 8.97 -5.64 -5.34
CA GLU B 149 10.12 -6.26 -6.00
C GLU B 149 9.62 -7.10 -7.17
N ALA B 150 10.03 -6.72 -8.39
CA ALA B 150 9.62 -7.46 -9.58
C ALA B 150 10.32 -8.82 -9.66
N SER B 151 11.55 -8.91 -9.15
CA SER B 151 12.20 -10.21 -9.00
C SER B 151 11.34 -11.20 -8.23
N LYS B 152 10.43 -10.72 -7.39
CA LYS B 152 9.74 -11.53 -6.40
C LYS B 152 8.30 -11.86 -6.79
N GLY B 153 7.90 -11.58 -8.03
CA GLY B 153 6.69 -12.15 -8.58
C GLY B 153 5.44 -11.28 -8.57
N LEU B 154 5.52 -10.04 -8.14
CA LEU B 154 4.34 -9.19 -8.04
C LEU B 154 4.34 -8.04 -9.03
N GLN B 155 3.13 -7.75 -9.52
CA GLN B 155 2.78 -6.65 -10.41
C GLN B 155 2.01 -5.57 -9.65
N VAL B 156 2.13 -4.34 -10.10
CA VAL B 156 1.18 -3.31 -9.71
C VAL B 156 0.82 -2.50 -10.95
N THR B 157 -0.48 -2.40 -11.22
CA THR B 157 -0.99 -1.63 -12.35
C THR B 157 -2.10 -0.70 -11.90
N SER B 158 -2.78 -0.07 -12.87
CA SER B 158 -3.95 0.73 -12.55
C SER B 158 -4.94 -0.07 -11.73
N ASN B 159 -5.08 -1.35 -12.03
CA ASN B 159 -6.13 -2.19 -11.47
C ASN B 159 -5.76 -2.80 -10.13
N GLY B 160 -4.52 -2.63 -9.66
CA GLY B 160 -4.16 -3.08 -8.34
C GLY B 160 -2.93 -3.97 -8.37
N VAL B 161 -2.59 -4.51 -7.19
CA VAL B 161 -1.44 -5.39 -7.05
C VAL B 161 -1.85 -6.80 -7.47
N GLY B 162 -0.89 -7.56 -8.02
CA GLY B 162 -1.15 -8.91 -8.46
C GLY B 162 0.13 -9.61 -8.81
N LEU B 163 0.01 -10.92 -9.06
CA LEU B 163 1.13 -11.73 -9.55
C LEU B 163 1.46 -11.35 -10.99
N ASN B 164 2.74 -11.25 -11.29
CA ASN B 164 3.12 -11.10 -12.69
C ASN B 164 3.07 -12.47 -13.40
N ASN B 165 3.39 -12.47 -14.71
CA ASN B 165 3.35 -13.70 -15.50
C ASN B 165 4.55 -14.62 -15.31
N THR B 166 5.52 -14.28 -14.46
CA THR B 166 6.62 -15.19 -14.18
C THR B 166 6.72 -15.55 -12.70
N ALA B 167 5.74 -15.15 -11.88
CA ALA B 167 5.72 -15.61 -10.49
C ALA B 167 5.85 -17.13 -10.40
N TRP B 168 5.35 -17.84 -11.42
CA TRP B 168 5.33 -19.29 -11.34
C TRP B 168 6.73 -19.87 -11.33
N ILE B 169 7.67 -19.21 -11.99
CA ILE B 169 9.04 -19.72 -12.00
C ILE B 169 9.62 -19.68 -10.59
N LYS B 170 9.41 -18.55 -9.88
CA LYS B 170 9.85 -18.46 -8.50
C LYS B 170 9.23 -19.58 -7.65
N MET B 171 7.92 -19.80 -7.80
CA MET B 171 7.26 -20.91 -7.12
C MET B 171 7.96 -22.23 -7.39
N MET B 172 8.18 -22.56 -8.67
CA MET B 172 8.75 -23.86 -8.99
C MET B 172 10.18 -23.98 -8.51
N CYS B 173 10.90 -22.87 -8.43
CA CYS B 173 12.25 -22.92 -7.90
C CYS B 173 12.25 -23.30 -6.44
N GLY B 174 11.36 -22.68 -5.66
CA GLY B 174 11.23 -23.05 -4.26
C GLY B 174 10.75 -24.47 -4.07
N LEU B 175 9.87 -24.95 -4.94
CA LEU B 175 9.31 -26.29 -4.78
C LEU B 175 10.41 -27.35 -4.78
N HIS B 176 11.30 -27.30 -5.76
CA HIS B 176 12.39 -28.25 -5.89
C HIS B 176 13.69 -27.79 -5.28
N ASN B 177 13.71 -26.58 -4.70
CA ASN B 177 14.94 -25.99 -4.19
C ASN B 177 16.00 -25.89 -5.30
N ALA B 178 15.56 -25.46 -6.49
CA ALA B 178 16.47 -25.31 -7.61
C ALA B 178 17.16 -23.96 -7.56
N THR B 179 18.44 -23.94 -7.89
CA THR B 179 19.21 -22.69 -7.99
C THR B 179 19.37 -22.20 -9.42
N PHE B 180 18.89 -22.96 -10.42
CA PHE B 180 18.94 -22.57 -11.81
C PHE B 180 17.76 -23.17 -12.55
N TYR B 181 17.38 -22.50 -13.64
CA TYR B 181 16.25 -22.97 -14.44
C TYR B 181 16.43 -22.54 -15.89
N VAL B 182 15.72 -23.23 -16.77
CA VAL B 182 15.47 -22.75 -18.13
C VAL B 182 13.97 -22.72 -18.34
N SER B 183 13.52 -21.76 -19.16
CA SER B 183 12.16 -21.72 -19.67
C SER B 183 12.12 -21.23 -21.11
N ASP B 184 11.43 -21.96 -21.97
CA ASP B 184 11.00 -21.40 -23.25
C ASP B 184 9.64 -21.99 -23.57
N THR B 185 9.24 -21.92 -24.83
CA THR B 185 7.85 -22.18 -25.16
C THR B 185 7.48 -23.65 -25.06
N TYR B 186 8.44 -24.55 -25.02
CA TYR B 186 8.05 -25.95 -24.94
C TYR B 186 8.52 -26.69 -23.70
N VAL B 187 9.35 -26.10 -22.84
CA VAL B 187 9.81 -26.84 -21.67
C VAL B 187 10.25 -25.85 -20.61
N CYS B 188 10.19 -26.28 -19.35
CA CYS B 188 10.91 -25.59 -18.28
C CYS B 188 11.54 -26.64 -17.41
N VAL B 189 12.71 -26.30 -16.89
CA VAL B 189 13.57 -27.25 -16.21
C VAL B 189 14.23 -26.56 -15.02
N PHE B 190 14.21 -27.22 -13.88
CA PHE B 190 14.65 -26.60 -12.63
C PHE B 190 15.79 -27.44 -12.10
N PHE B 191 16.95 -26.80 -11.96
CA PHE B 191 18.24 -27.47 -11.82
C PHE B 191 18.66 -27.47 -10.36
N CYS B 192 19.07 -28.63 -9.85
CA CYS B 192 19.61 -28.75 -8.49
C CYS B 192 21.01 -29.35 -8.54
N ASN B 193 22.01 -28.56 -8.15
CA ASN B 193 23.35 -29.11 -8.02
C ASN B 193 23.46 -29.99 -6.78
N HIS B 194 24.13 -31.12 -6.92
CA HIS B 194 24.32 -32.01 -5.78
C HIS B 194 25.37 -33.04 -6.14
N SER B 195 26.23 -33.35 -5.16
CA SER B 195 27.28 -34.35 -5.31
C SER B 195 28.22 -33.83 -6.40
N THR B 196 28.60 -34.66 -7.35
CA THR B 196 29.54 -34.29 -8.39
C THR B 196 28.88 -33.68 -9.62
N GLY B 197 27.56 -33.53 -9.64
CA GLY B 197 26.86 -33.06 -10.82
C GLY B 197 25.57 -32.35 -10.49
N CYS B 198 24.50 -32.63 -11.24
CA CYS B 198 23.21 -32.05 -10.89
C CYS B 198 22.06 -32.88 -11.46
N THR B 199 20.89 -32.71 -10.86
CA THR B 199 19.64 -33.30 -11.33
C THR B 199 18.59 -32.20 -11.49
N ALA B 200 17.70 -32.39 -12.48
CA ALA B 200 16.72 -31.38 -12.86
C ALA B 200 15.31 -31.98 -12.96
N TYR B 201 14.34 -31.20 -12.51
CA TYR B 201 12.92 -31.53 -12.58
C TYR B 201 12.38 -30.88 -13.85
N VAL B 202 11.54 -31.60 -14.60
CA VAL B 202 11.17 -31.19 -15.95
C VAL B 202 9.65 -31.09 -16.06
N TYR B 203 9.20 -30.05 -16.73
CA TYR B 203 7.77 -29.87 -16.97
C TYR B 203 7.55 -29.42 -18.40
N GLY B 204 6.60 -30.07 -19.08
CA GLY B 204 6.26 -29.70 -20.44
C GLY B 204 5.42 -28.44 -20.51
N ARG B 205 5.50 -27.77 -21.65
CA ARG B 205 4.66 -26.59 -21.89
C ARG B 205 4.07 -26.66 -23.30
N GLY B 206 2.97 -25.93 -23.47
CA GLY B 206 2.28 -25.78 -24.72
C GLY B 206 1.88 -27.10 -25.35
N GLY B 207 1.63 -28.10 -24.50
CA GLY B 207 1.36 -29.44 -24.96
C GLY B 207 2.58 -30.32 -25.16
N TYR B 208 3.78 -29.77 -25.04
CA TYR B 208 4.96 -30.53 -25.38
C TYR B 208 5.48 -31.30 -24.17
N TYR B 209 6.36 -32.26 -24.45
CA TYR B 209 7.04 -33.00 -23.41
C TYR B 209 8.48 -33.23 -23.85
N LEU B 210 9.33 -33.54 -22.86
CA LEU B 210 10.77 -33.71 -23.09
C LEU B 210 11.12 -35.15 -23.44
N SER B 211 11.82 -35.32 -24.55
CA SER B 211 12.36 -36.63 -24.93
C SER B 211 13.30 -37.15 -23.85
N MET B 212 13.36 -38.48 -23.73
CA MET B 212 14.29 -39.09 -22.79
C MET B 212 15.39 -39.89 -23.48
N TYR B 213 15.40 -39.94 -24.81
CA TYR B 213 16.44 -40.64 -25.55
C TYR B 213 17.83 -40.07 -25.26
N LYS B 214 18.82 -40.97 -25.18
CA LYS B 214 20.21 -40.56 -25.05
C LYS B 214 20.59 -39.65 -26.21
N GLY B 215 21.19 -38.51 -25.90
CA GLY B 215 21.54 -37.53 -26.89
C GLY B 215 20.48 -36.46 -27.12
N ASP B 216 19.30 -36.58 -26.51
CA ASP B 216 18.25 -35.59 -26.67
C ASP B 216 18.20 -34.54 -25.56
N VAL B 217 19.08 -34.62 -24.56
CA VAL B 217 19.09 -33.65 -23.46
C VAL B 217 20.54 -33.38 -23.16
N LYS B 218 21.01 -32.18 -23.46
CA LYS B 218 22.42 -31.84 -23.29
C LYS B 218 22.55 -30.65 -22.35
N LEU B 219 23.26 -30.85 -21.25
CA LEU B 219 23.72 -29.75 -20.41
C LEU B 219 25.19 -29.49 -20.76
N ASN B 220 25.51 -28.24 -21.10
CA ASN B 220 26.89 -27.92 -21.44
C ASN B 220 27.43 -28.82 -22.54
N SER B 221 26.54 -29.27 -23.44
CA SER B 221 26.82 -30.18 -24.55
C SER B 221 27.13 -31.59 -24.10
N VAL B 222 26.84 -31.95 -22.84
CA VAL B 222 27.06 -33.29 -22.33
C VAL B 222 25.72 -34.05 -22.28
N ASP B 223 25.69 -35.26 -22.85
CA ASP B 223 24.53 -36.12 -22.72
C ASP B 223 24.31 -36.49 -21.26
N HIS B 224 23.05 -36.76 -20.92
CA HIS B 224 22.63 -37.13 -19.57
C HIS B 224 23.01 -38.56 -19.22
N ASN B 225 23.15 -38.81 -17.91
CA ASN B 225 23.46 -40.13 -17.39
C ASN B 225 22.20 -40.93 -17.07
N GLU B 226 21.25 -40.32 -16.36
CA GLU B 226 20.02 -41.00 -15.94
C GLU B 226 18.81 -40.11 -16.21
N ILE B 227 17.67 -40.75 -16.44
CA ILE B 227 16.39 -40.06 -16.51
C ILE B 227 15.32 -40.93 -15.86
N ILE B 228 14.32 -40.28 -15.30
CA ILE B 228 13.07 -40.91 -14.88
C ILE B 228 11.95 -40.32 -15.71
N SER B 229 11.00 -41.14 -16.12
CA SER B 229 10.04 -40.71 -17.11
C SER B 229 8.64 -41.16 -16.74
N MET B 230 7.67 -40.49 -17.34
CA MET B 230 6.32 -40.99 -17.45
C MET B 230 6.18 -41.67 -18.80
N VAL B 231 5.35 -42.71 -18.85
CA VAL B 231 5.29 -43.62 -20.00
C VAL B 231 3.94 -43.48 -20.68
N GLY B 232 3.97 -43.51 -22.01
CA GLY B 232 2.78 -43.47 -22.83
C GLY B 232 2.75 -44.76 -23.61
N SER B 233 1.85 -44.90 -24.57
CA SER B 233 1.72 -46.17 -25.27
C SER B 233 2.73 -46.27 -26.40
N GLY B 234 3.27 -47.47 -26.58
CA GLY B 234 4.08 -47.74 -27.77
C GLY B 234 5.34 -46.91 -27.79
N SER B 235 6.14 -47.05 -26.74
CA SER B 235 7.48 -46.49 -26.64
C SER B 235 7.47 -44.98 -26.51
N ILE B 236 6.33 -44.36 -26.23
CA ILE B 236 6.32 -42.95 -25.88
C ILE B 236 6.69 -42.85 -24.41
N ALA B 237 7.61 -41.93 -24.10
CA ALA B 237 8.08 -41.70 -22.75
C ALA B 237 8.51 -40.25 -22.66
N ALA B 238 8.22 -39.63 -21.50
CA ALA B 238 8.38 -38.20 -21.28
C ALA B 238 9.27 -37.99 -20.06
N ALA B 239 10.42 -37.34 -20.26
CA ALA B 239 11.41 -37.15 -19.19
C ALA B 239 10.90 -36.17 -18.14
N THR B 240 10.86 -36.60 -16.87
CA THR B 240 10.45 -35.74 -15.77
C THR B 240 11.57 -35.38 -14.81
N MET B 241 12.61 -36.21 -14.71
CA MET B 241 13.87 -35.87 -14.06
C MET B 241 15.04 -36.26 -14.96
N VAL B 242 16.07 -35.43 -14.98
CA VAL B 242 17.28 -35.67 -15.77
C VAL B 242 18.51 -35.37 -14.91
N SER B 243 19.56 -36.18 -15.07
CA SER B 243 20.70 -36.02 -14.20
C SER B 243 22.02 -36.23 -14.95
N TRP B 244 23.02 -35.41 -14.58
CA TRP B 244 24.38 -35.42 -15.12
C TRP B 244 25.33 -35.67 -13.96
N LYS B 245 25.98 -36.83 -13.97
CA LYS B 245 26.87 -37.18 -12.85
C LYS B 245 27.95 -36.13 -12.61
N SER B 246 28.47 -35.50 -13.67
CA SER B 246 29.67 -34.68 -13.50
C SER B 246 29.54 -33.31 -14.15
N THR B 247 28.37 -32.95 -14.63
CA THR B 247 28.15 -31.62 -15.16
C THR B 247 27.37 -30.81 -14.14
N LYS B 248 27.80 -29.58 -13.92
CA LYS B 248 27.20 -28.70 -12.95
C LYS B 248 26.38 -27.67 -13.72
N ALA B 249 25.35 -27.14 -13.06
CA ALA B 249 24.50 -26.09 -13.61
C ALA B 249 24.92 -24.76 -13.03
N ALA B 250 25.02 -23.76 -13.90
CA ALA B 250 25.48 -22.43 -13.53
C ALA B 250 24.89 -21.45 -14.52
N ALA B 251 24.85 -20.18 -14.13
CA ALA B 251 24.30 -19.18 -15.01
C ALA B 251 25.10 -19.14 -16.31
N GLY B 252 24.39 -19.27 -17.44
CA GLY B 252 25.00 -19.16 -18.75
C GLY B 252 25.28 -20.46 -19.45
N ILE B 253 25.32 -21.59 -18.74
CA ILE B 253 25.51 -22.88 -19.42
C ILE B 253 24.34 -23.12 -20.37
N SER B 254 24.60 -23.87 -21.43
CA SER B 254 23.59 -24.10 -22.45
C SER B 254 22.79 -25.37 -22.16
N PHE B 255 21.53 -25.33 -22.54
CA PHE B 255 20.63 -26.46 -22.46
C PHE B 255 20.15 -26.77 -23.87
N LYS B 256 20.39 -27.98 -24.31
CA LYS B 256 19.93 -28.41 -25.62
C LYS B 256 18.99 -29.59 -25.44
N TYR B 257 17.90 -29.59 -26.17
CA TYR B 257 16.88 -30.57 -25.85
C TYR B 257 16.02 -30.80 -27.08
N LEU B 258 15.37 -31.95 -27.06
CA LEU B 258 14.43 -32.33 -28.08
C LEU B 258 13.06 -32.44 -27.44
N GLY B 259 12.13 -31.59 -27.85
CA GLY B 259 10.77 -31.63 -27.36
C GLY B 259 9.85 -32.37 -28.36
N LYS B 260 8.92 -33.15 -27.81
CA LYS B 260 7.98 -33.92 -28.63
C LYS B 260 6.56 -33.64 -28.15
N ASN B 261 5.58 -34.22 -28.85
CA ASN B 261 4.21 -33.87 -28.54
C ASN B 261 3.37 -35.09 -28.89
N LEU B 262 2.12 -35.10 -28.40
CA LEU B 262 1.30 -36.29 -28.60
C LEU B 262 0.45 -36.24 -29.86
N ILE B 263 0.45 -35.15 -30.62
CA ILE B 263 -0.39 -35.05 -31.81
C ILE B 263 0.42 -35.30 -33.09
N THR B 264 1.49 -34.54 -33.31
CA THR B 264 2.37 -34.84 -34.44
C THR B 264 3.57 -35.63 -33.99
N SER B 265 4.29 -36.16 -34.97
CA SER B 265 5.51 -36.91 -34.70
C SER B 265 6.76 -36.04 -34.81
N THR B 266 6.62 -34.74 -35.07
CA THR B 266 7.80 -33.90 -35.24
C THR B 266 8.38 -33.56 -33.87
N SER B 267 9.41 -32.71 -33.88
CA SER B 267 10.24 -32.43 -32.72
C SER B 267 10.84 -31.03 -32.83
N HIS B 268 10.69 -30.23 -31.79
CA HIS B 268 11.47 -29.01 -31.68
C HIS B 268 12.80 -29.30 -31.00
N SER B 269 13.87 -28.72 -31.54
CA SER B 269 15.21 -28.84 -30.97
C SER B 269 15.59 -27.47 -30.41
N GLY B 270 15.60 -27.35 -29.10
CA GLY B 270 15.83 -26.07 -28.44
C GLY B 270 17.26 -25.94 -27.98
N SER B 271 17.73 -24.70 -27.94
CA SER B 271 19.04 -24.37 -27.40
C SER B 271 18.90 -23.07 -26.63
N VAL B 272 18.95 -23.16 -25.30
CA VAL B 272 18.75 -22.02 -24.42
C VAL B 272 19.88 -22.00 -23.40
N THR B 273 19.83 -21.04 -22.47
CA THR B 273 20.88 -20.96 -21.47
C THR B 273 20.28 -20.88 -20.08
N LEU B 274 20.96 -21.51 -19.13
CA LEU B 274 20.49 -21.53 -17.76
C LEU B 274 20.52 -20.11 -17.19
N VAL B 275 19.58 -19.85 -16.31
CA VAL B 275 19.44 -18.58 -15.62
C VAL B 275 19.32 -18.86 -14.13
N ALA B 276 19.90 -17.98 -13.31
CA ALA B 276 19.83 -18.15 -11.87
C ALA B 276 18.40 -18.02 -11.38
N ALA B 277 18.08 -18.76 -10.32
CA ALA B 277 16.74 -18.74 -9.77
C ALA B 277 16.41 -17.33 -9.24
N PRO B 278 15.16 -16.87 -9.36
CA PRO B 278 14.76 -15.51 -9.01
C PRO B 278 14.79 -15.28 -7.52
N ALA C 38 9.34 56.95 21.46
CA ALA C 38 8.07 56.35 21.10
C ALA C 38 6.92 57.09 21.82
N LEU C 39 5.70 56.64 21.59
CA LEU C 39 4.55 57.35 22.13
C LEU C 39 4.47 57.17 23.63
N PRO C 40 4.06 58.20 24.36
CA PRO C 40 3.84 58.07 25.82
C PRO C 40 2.94 56.88 26.17
N GLN C 41 3.25 56.23 27.28
CA GLN C 41 2.32 55.24 27.82
C GLN C 41 1.09 55.95 28.35
N ALA C 42 0.00 55.19 28.49
CA ALA C 42 -1.32 55.77 28.71
C ALA C 42 -1.35 56.64 29.96
N ASP C 43 -0.70 56.18 31.04
CA ASP C 43 -0.71 56.95 32.27
C ASP C 43 0.12 58.22 32.15
N ALA C 44 1.22 58.18 31.38
CA ALA C 44 1.93 59.40 31.08
C ALA C 44 1.06 60.35 30.26
N LEU C 45 0.36 59.86 29.23
CA LEU C 45 -0.57 60.73 28.51
C LEU C 45 -1.59 61.38 29.43
N LYS C 46 -2.22 60.59 30.29
CA LYS C 46 -3.25 61.14 31.16
C LYS C 46 -2.74 62.34 31.96
N GLU C 47 -1.50 62.26 32.47
CA GLU C 47 -0.91 63.40 33.19
C GLU C 47 -0.96 64.68 32.38
N ARG C 48 -0.78 64.58 31.07
CA ARG C 48 -0.78 65.76 30.22
C ARG C 48 -2.17 66.35 30.05
N PHE C 49 -3.22 65.56 30.30
CA PHE C 49 -4.61 66.02 30.23
C PHE C 49 -5.27 66.02 31.60
N LYS C 50 -4.51 66.41 32.62
CA LYS C 50 -4.99 66.39 33.98
C LYS C 50 -5.80 67.64 34.32
N ALA C 51 -6.73 67.49 35.27
CA ALA C 51 -7.64 68.55 35.73
C ALA C 51 -6.98 69.88 36.13
N ILE C 54 -4.25 73.05 30.63
CA ILE C 54 -4.25 73.33 29.19
C ILE C 54 -3.23 72.46 28.43
N PRO C 55 -3.74 71.54 27.59
CA PRO C 55 -2.84 70.63 26.88
C PRO C 55 -2.09 71.33 25.76
N LEU C 56 -0.88 70.87 25.51
CA LEU C 56 -0.05 71.37 24.43
C LEU C 56 -0.37 70.61 23.13
N GLN C 57 0.04 71.20 22.02
CA GLN C 57 -0.17 70.54 20.74
C GLN C 57 0.59 69.23 20.65
N THR C 58 1.79 69.16 21.22
CA THR C 58 2.56 67.92 21.15
C THR C 58 1.90 66.83 21.98
N ASP C 59 1.07 67.21 22.94
CA ASP C 59 0.27 66.24 23.66
C ASP C 59 -0.83 65.68 22.77
N PHE C 60 -1.55 66.59 22.11
CA PHE C 60 -2.56 66.19 21.14
C PHE C 60 -1.95 65.33 20.04
N ALA C 61 -0.79 65.73 19.53
CA ALA C 61 -0.10 64.95 18.53
C ALA C 61 0.14 63.53 19.00
N ASP C 62 0.69 63.37 20.21
CA ASP C 62 0.91 62.03 20.76
C ASP C 62 -0.41 61.27 20.90
N LEU C 63 -1.51 61.97 21.21
CA LEU C 63 -2.80 61.30 21.34
C LEU C 63 -3.34 60.89 19.98
N VAL C 64 -3.24 61.77 18.98
CA VAL C 64 -3.62 61.43 17.60
C VAL C 64 -2.79 60.24 17.11
N ASP C 65 -1.45 60.32 17.27
CA ASP C 65 -0.60 59.22 16.87
C ASP C 65 -0.94 57.94 17.62
N LEU C 66 -1.24 58.07 18.92
CA LEU C 66 -1.63 56.90 19.68
C LEU C 66 -2.89 56.28 19.10
N ALA C 67 -3.92 57.11 18.91
CA ALA C 67 -5.18 56.69 18.31
C ALA C 67 -4.98 56.10 16.91
N ASN C 68 -4.01 56.61 16.17
CA ASN C 68 -3.77 56.10 14.82
C ASN C 68 -3.23 54.68 14.76
N MET C 69 -2.90 54.06 15.90
CA MET C 69 -2.22 52.77 15.83
C MET C 69 -3.16 51.64 15.45
N GLY C 70 -4.44 51.75 15.83
CA GLY C 70 -5.42 50.79 15.34
C GLY C 70 -5.55 50.83 13.83
N ARG C 71 -5.54 52.04 13.26
CA ARG C 71 -5.65 52.13 11.82
C ARG C 71 -4.37 51.63 11.15
N GLN C 72 -3.22 51.97 11.72
CA GLN C 72 -1.96 51.46 11.18
C GLN C 72 -1.99 49.94 11.12
N ALA C 73 -2.56 49.31 12.15
CA ALA C 73 -2.47 47.85 12.28
C ALA C 73 -3.26 47.14 11.18
N VAL C 74 -4.40 47.69 10.79
CA VAL C 74 -5.23 47.08 9.76
C VAL C 74 -4.91 47.64 8.37
N GLY C 75 -3.73 48.25 8.20
CA GLY C 75 -3.30 48.77 6.92
C GLY C 75 -4.11 49.92 6.35
N GLY C 76 -4.72 50.75 7.21
CA GLY C 76 -5.66 51.78 6.79
C GLY C 76 -5.15 53.20 6.65
N THR C 77 -3.85 53.45 6.80
CA THR C 77 -3.37 54.82 6.69
C THR C 77 -2.92 55.15 5.26
N GLU C 78 -2.72 56.42 5.00
CA GLU C 78 -2.12 56.83 3.73
C GLU C 78 -0.74 56.21 3.59
N GLY C 79 -0.45 55.73 2.39
CA GLY C 79 0.78 55.00 2.17
C GLY C 79 0.71 53.51 2.43
N GLN C 80 -0.42 53.01 2.94
CA GLN C 80 -0.58 51.59 3.20
C GLN C 80 -1.56 50.99 2.19
N THR C 81 -1.52 49.67 2.07
CA THR C 81 -2.26 48.96 1.04
C THR C 81 -3.35 48.07 1.63
N GLY C 82 -3.99 48.51 2.71
CA GLY C 82 -5.03 47.72 3.34
C GLY C 82 -4.46 46.63 4.23
N PRO C 83 -5.33 45.72 4.68
CA PRO C 83 -4.91 44.69 5.64
C PRO C 83 -3.88 43.71 5.06
N ALA C 84 -3.07 43.14 5.95
CA ALA C 84 -2.07 42.19 5.53
C ALA C 84 -2.72 40.90 4.99
N ASN C 85 -1.95 40.15 4.21
CA ASN C 85 -2.42 38.86 3.72
C ASN C 85 -2.84 37.98 4.89
N GLY C 86 -3.88 37.18 4.67
CA GLY C 86 -4.46 36.39 5.75
C GLY C 86 -5.44 37.14 6.61
N PHE C 87 -5.54 38.47 6.45
CA PHE C 87 -6.48 39.30 7.18
C PHE C 87 -7.53 39.88 6.23
N THR C 88 -8.77 39.98 6.70
CA THR C 88 -9.74 40.83 6.04
C THR C 88 -10.33 41.82 7.06
N LEU C 89 -10.93 42.89 6.56
CA LEU C 89 -11.61 43.86 7.41
C LEU C 89 -13.08 43.89 7.02
N SER C 90 -13.95 43.55 7.97
CA SER C 90 -15.38 43.55 7.74
C SER C 90 -15.91 44.98 7.61
N LEU C 91 -17.14 45.11 7.10
CA LEU C 91 -17.72 46.45 6.97
C LEU C 91 -17.99 47.08 8.33
N GLU C 92 -18.24 46.29 9.38
CA GLU C 92 -18.35 46.92 10.69
C GLU C 92 -16.99 47.37 11.24
N GLY C 93 -15.90 47.08 10.53
CA GLY C 93 -14.56 47.43 10.94
C GLY C 93 -13.82 46.39 11.74
N ARG C 94 -14.34 45.16 11.84
CA ARG C 94 -13.68 44.12 12.62
C ARG C 94 -12.61 43.40 11.80
N LEU C 95 -11.46 43.18 12.40
CA LEU C 95 -10.43 42.37 11.75
C LEU C 95 -10.84 40.90 11.76
N GLU C 96 -10.71 40.24 10.61
CA GLU C 96 -11.15 38.86 10.48
C GLU C 96 -10.13 38.06 9.69
N LEU C 97 -9.98 36.79 10.07
CA LEU C 97 -9.06 35.93 9.34
C LEU C 97 -9.62 35.60 7.96
N LYS C 98 -8.72 35.44 7.00
CA LYS C 98 -9.07 35.06 5.64
C LYS C 98 -8.50 33.67 5.39
N PRO C 99 -9.21 32.61 5.77
CA PRO C 99 -8.75 31.26 5.41
C PRO C 99 -8.95 31.01 3.93
N ASN C 100 -7.95 30.37 3.31
CA ASN C 100 -8.08 29.92 1.92
C ASN C 100 -8.86 28.62 1.92
N ALA C 101 -10.17 28.72 1.72
CA ALA C 101 -11.05 27.58 1.89
C ALA C 101 -10.80 26.48 0.88
N ALA C 102 -10.06 26.78 -0.18
CA ALA C 102 -9.67 25.79 -1.19
C ALA C 102 -8.25 25.27 -1.01
N LYS C 103 -7.52 25.72 0.01
CA LYS C 103 -6.21 25.18 0.30
C LYS C 103 -6.16 24.63 1.73
N GLY C 104 -7.28 24.14 2.23
CA GLY C 104 -7.29 23.24 3.37
C GLY C 104 -7.37 23.86 4.75
N ILE C 105 -7.70 25.14 4.87
CA ILE C 105 -7.85 25.80 6.17
C ILE C 105 -9.28 26.28 6.30
N VAL C 106 -9.90 26.01 7.45
CA VAL C 106 -11.14 26.67 7.81
C VAL C 106 -11.00 27.32 9.18
N VAL C 107 -11.75 28.39 9.38
CA VAL C 107 -11.86 29.01 10.70
C VAL C 107 -13.32 29.00 11.08
N ASP C 108 -13.63 28.47 12.26
CA ASP C 108 -14.99 28.55 12.78
C ASP C 108 -14.90 28.88 14.26
N LYS C 109 -16.07 28.81 14.90
CA LYS C 109 -16.25 29.11 16.32
C LYS C 109 -15.20 28.44 17.20
N ASP C 110 -14.71 27.29 16.77
CA ASP C 110 -13.77 26.50 17.54
C ASP C 110 -12.31 26.85 17.25
N GLY C 111 -12.03 27.67 16.23
CA GLY C 111 -10.67 28.13 16.03
C GLY C 111 -10.20 27.88 14.61
N ILE C 112 -8.89 28.00 14.42
CA ILE C 112 -8.28 27.74 13.13
C ILE C 112 -7.99 26.25 13.03
N ALA C 113 -8.43 25.64 11.93
CA ALA C 113 -8.36 24.19 11.78
C ALA C 113 -7.84 23.82 10.40
N VAL C 114 -7.20 22.65 10.33
CA VAL C 114 -6.92 21.97 9.06
C VAL C 114 -8.21 21.36 8.53
N LYS C 115 -8.52 21.61 7.27
CA LYS C 115 -9.75 21.11 6.66
C LYS C 115 -9.42 19.81 5.94
N VAL C 116 -9.73 18.68 6.58
CA VAL C 116 -9.52 17.37 5.98
C VAL C 116 -10.80 16.90 5.31
N GLU C 117 -10.67 16.42 4.07
CA GLU C 117 -11.72 15.65 3.42
C GLU C 117 -11.79 14.26 4.02
N ALA C 118 -13.02 13.91 4.39
CA ALA C 118 -13.38 12.61 4.98
C ALA C 118 -14.01 11.73 3.91
N LYS C 120 -11.14 10.38 3.39
CA LYS C 120 -10.46 10.19 2.09
C LYS C 120 -8.98 9.98 2.40
N GLY C 121 -8.73 9.28 3.49
CA GLY C 121 -7.36 8.88 3.83
C GLY C 121 -6.75 9.64 4.98
N LEU C 122 -7.40 10.66 5.51
CA LEU C 122 -6.68 11.41 6.53
C LEU C 122 -7.56 11.55 7.76
N GLN C 123 -6.90 11.67 8.92
CA GLN C 123 -7.61 11.75 10.19
C GLN C 123 -6.89 12.73 11.11
N VAL C 124 -7.66 13.49 11.88
CA VAL C 124 -7.14 14.50 12.81
C VAL C 124 -7.61 14.18 14.22
N THR C 125 -6.68 14.21 15.17
CA THR C 125 -6.97 13.95 16.58
C THR C 125 -6.42 15.13 17.36
N ALA C 126 -6.50 15.06 18.69
CA ALA C 126 -5.77 16.00 19.53
C ALA C 126 -4.26 15.90 19.31
N SER C 127 -3.76 14.77 18.84
CA SER C 127 -2.35 14.67 18.51
C SER C 127 -2.05 15.07 17.07
N GLY C 128 -3.04 15.50 16.32
CA GLY C 128 -2.80 16.13 15.05
C GLY C 128 -3.23 15.30 13.86
N VAL C 129 -2.71 15.67 12.70
CA VAL C 129 -3.09 15.07 11.43
C VAL C 129 -2.23 13.84 11.18
N SER C 130 -2.87 12.77 10.71
CA SER C 130 -2.18 11.53 10.39
C SER C 130 -2.93 10.79 9.29
N VAL C 131 -2.39 9.65 8.88
CA VAL C 131 -2.95 8.84 7.82
C VAL C 131 -3.83 7.76 8.43
N GLN C 132 -5.03 7.57 7.90
CA GLN C 132 -5.93 6.51 8.34
C GLN C 132 -5.68 5.24 7.53
N ALA C 133 -5.19 4.20 8.20
CA ALA C 133 -4.83 2.94 7.55
C ALA C 133 -6.06 2.07 7.39
N GLY C 134 -6.34 1.65 6.15
CA GLY C 134 -7.31 0.62 5.87
C GLY C 134 -6.66 -0.74 5.68
N ASP C 135 -7.47 -1.67 5.16
CA ASP C 135 -7.03 -3.04 4.94
C ASP C 135 -5.74 -3.09 4.14
N GLY C 136 -4.70 -3.70 4.71
CA GLY C 136 -3.43 -3.89 4.03
C GLY C 136 -2.41 -2.78 4.21
N ILE C 137 -2.65 -1.84 5.11
CA ILE C 137 -1.72 -0.75 5.40
C ILE C 137 -1.51 -0.71 6.91
N SER C 138 -0.26 -0.50 7.33
CA SER C 138 0.01 -0.21 8.72
C SER C 138 0.65 1.16 8.82
N VAL C 139 0.44 1.80 9.97
CA VAL C 139 1.00 3.11 10.26
C VAL C 139 1.89 3.01 11.51
N ALA C 140 3.12 3.48 11.39
CA ALA C 140 4.11 3.44 12.46
C ALA C 140 5.38 4.15 11.98
N GLY C 141 6.45 4.11 12.77
CA GLY C 141 7.68 4.78 12.38
C GLY C 141 8.34 4.14 11.18
N GLY C 143 7.16 5.06 8.11
CA GLY C 143 6.05 5.85 7.62
C GLY C 143 4.78 5.05 7.39
N VAL C 144 4.14 5.27 6.24
CA VAL C 144 3.04 4.41 5.81
C VAL C 144 3.61 3.20 5.11
N ALA C 145 3.17 2.01 5.51
CA ALA C 145 3.76 0.77 5.04
C ALA C 145 2.68 -0.24 4.66
N VAL C 146 3.09 -1.21 3.84
CA VAL C 146 2.23 -2.32 3.46
C VAL C 146 2.23 -3.35 4.58
N LYS C 147 1.05 -3.87 4.90
CA LYS C 147 0.92 -4.95 5.85
C LYS C 147 0.58 -6.23 5.11
N VAL C 148 1.29 -7.32 5.43
CA VAL C 148 1.01 -8.60 4.77
C VAL C 148 0.71 -9.64 5.84
N GLU C 149 -0.19 -10.55 5.49
CA GLU C 149 -0.56 -11.67 6.35
C GLU C 149 0.36 -12.89 6.20
N SER C 151 2.26 -16.08 6.13
CA SER C 151 1.28 -17.17 6.21
C SER C 151 0.40 -17.22 4.96
N LYS C 152 0.24 -16.07 4.31
CA LYS C 152 -0.42 -15.98 3.03
C LYS C 152 0.54 -15.77 1.87
N GLY C 153 1.85 -15.96 2.11
CA GLY C 153 2.81 -16.10 1.05
C GLY C 153 3.52 -14.84 0.64
N LEU C 154 3.15 -13.70 1.21
CA LEU C 154 3.73 -12.44 0.80
C LEU C 154 4.69 -11.92 1.85
N GLN C 155 5.57 -11.03 1.42
CA GLN C 155 6.53 -10.40 2.31
C GLN C 155 6.68 -8.95 1.87
N VAL C 156 7.19 -8.13 2.78
CA VAL C 156 7.49 -6.74 2.48
C VAL C 156 8.86 -6.40 3.05
N THR C 157 9.71 -5.78 2.24
CA THR C 157 11.02 -5.34 2.66
C THR C 157 11.29 -3.92 2.15
N SER C 158 12.47 -3.42 2.51
CA SER C 158 13.04 -2.21 1.95
C SER C 158 12.76 -2.04 0.46
N ASN C 159 12.81 -3.15 -0.30
CA ASN C 159 12.74 -3.06 -1.76
C ASN C 159 11.35 -3.32 -2.31
N GLY C 160 10.39 -3.67 -1.48
CA GLY C 160 9.03 -3.72 -1.93
C GLY C 160 8.32 -4.94 -1.39
N VAL C 161 7.11 -5.12 -1.86
CA VAL C 161 6.33 -6.30 -1.55
C VAL C 161 6.64 -7.37 -2.58
N GLY C 162 6.85 -8.60 -2.12
CA GLY C 162 7.10 -9.72 -3.00
C GLY C 162 6.64 -11.01 -2.35
N LEU C 163 6.77 -12.09 -3.10
CA LEU C 163 6.53 -13.42 -2.54
C LEU C 163 7.65 -13.79 -1.58
N ASN C 164 7.29 -14.44 -0.48
CA ASN C 164 8.32 -14.99 0.39
C ASN C 164 8.75 -16.38 -0.10
N ASN C 165 9.64 -16.99 0.67
CA ASN C 165 10.36 -18.24 0.38
C ASN C 165 9.60 -19.51 0.66
N THR C 166 8.41 -19.44 1.22
CA THR C 166 7.59 -20.61 1.45
C THR C 166 6.22 -20.46 0.81
N ALA C 167 6.01 -19.41 0.02
CA ALA C 167 4.75 -19.23 -0.69
C ALA C 167 4.40 -20.45 -1.56
N TRP C 168 5.42 -21.14 -2.09
CA TRP C 168 5.12 -22.26 -2.95
C TRP C 168 4.37 -23.35 -2.20
N ILE C 169 4.48 -23.38 -0.88
CA ILE C 169 3.80 -24.40 -0.08
C ILE C 169 2.29 -24.16 -0.07
N LYS C 170 1.86 -22.93 0.20
CA LYS C 170 0.45 -22.62 0.04
C LYS C 170 -0.06 -23.01 -1.34
N MET C 171 0.78 -22.83 -2.37
CA MET C 171 0.38 -23.17 -3.73
C MET C 171 0.15 -24.66 -3.90
N MET C 172 1.14 -25.48 -3.56
CA MET C 172 0.96 -26.90 -3.79
C MET C 172 -0.11 -27.47 -2.89
N CYS C 173 -0.40 -26.81 -1.77
CA CYS C 173 -1.51 -27.24 -0.94
C CYS C 173 -2.85 -26.99 -1.62
N GLY C 174 -2.99 -25.83 -2.28
CA GLY C 174 -4.23 -25.55 -3.01
C GLY C 174 -4.37 -26.42 -4.25
N LEU C 175 -3.26 -26.63 -4.97
CA LEU C 175 -3.27 -27.43 -6.20
C LEU C 175 -3.83 -28.82 -5.92
N HIS C 176 -3.36 -29.47 -4.87
CA HIS C 176 -3.76 -30.82 -4.56
C HIS C 176 -4.87 -30.86 -3.53
N ASN C 177 -5.30 -29.71 -3.03
CA ASN C 177 -6.32 -29.62 -1.99
C ASN C 177 -5.88 -30.36 -0.73
N ALA C 178 -4.59 -30.26 -0.43
CA ALA C 178 -4.04 -30.95 0.70
C ALA C 178 -4.27 -30.17 1.99
N THR C 179 -4.50 -30.91 3.07
CA THR C 179 -4.67 -30.29 4.37
C THR C 179 -3.46 -30.43 5.27
N PHE C 180 -2.49 -31.27 4.92
CA PHE C 180 -1.24 -31.39 5.65
C PHE C 180 -0.09 -31.61 4.69
N TYR C 181 1.09 -31.18 5.11
CA TYR C 181 2.30 -31.40 4.33
C TYR C 181 3.48 -31.67 5.25
N VAL C 182 4.57 -32.09 4.62
CA VAL C 182 5.91 -32.06 5.15
C VAL C 182 6.77 -31.43 4.08
N SER C 183 7.89 -30.86 4.52
CA SER C 183 8.89 -30.33 3.61
C SER C 183 10.23 -30.39 4.33
N ASP C 184 11.24 -30.99 3.72
CA ASP C 184 12.61 -30.82 4.19
C ASP C 184 13.50 -30.66 2.97
N THR C 185 14.78 -31.02 3.11
CA THR C 185 15.71 -30.67 2.05
C THR C 185 15.58 -31.57 0.83
N TYR C 186 15.07 -32.78 1.00
CA TYR C 186 15.10 -33.80 -0.05
C TYR C 186 13.74 -34.17 -0.61
N VAL C 187 12.64 -33.71 -0.01
CA VAL C 187 11.32 -34.11 -0.48
C VAL C 187 10.30 -33.16 0.12
N CYS C 188 9.15 -33.05 -0.54
CA CYS C 188 7.96 -32.49 0.06
C CYS C 188 6.74 -33.31 -0.35
N VAL C 189 5.75 -33.35 0.52
CA VAL C 189 4.65 -34.31 0.43
C VAL C 189 3.39 -33.64 0.92
N PHE C 190 2.30 -33.81 0.19
CA PHE C 190 1.06 -33.11 0.49
C PHE C 190 -0.03 -34.15 0.69
N PHE C 191 -0.69 -34.08 1.83
CA PHE C 191 -1.51 -35.16 2.36
C PHE C 191 -2.98 -34.81 2.19
N CYS C 192 -3.76 -35.80 1.79
CA CYS C 192 -5.18 -35.65 1.48
C CYS C 192 -5.94 -36.76 2.16
N ASN C 193 -6.70 -36.42 3.20
CA ASN C 193 -7.46 -37.44 3.91
C ASN C 193 -8.72 -37.76 3.13
N HIS C 194 -9.00 -39.04 2.94
CA HIS C 194 -10.19 -39.44 2.21
C HIS C 194 -10.50 -40.88 2.56
N SER C 195 -11.79 -41.22 2.51
CA SER C 195 -12.23 -42.55 2.89
C SER C 195 -11.65 -42.86 4.26
N THR C 196 -11.12 -44.06 4.43
CA THR C 196 -10.61 -44.51 5.71
C THR C 196 -9.16 -44.10 5.98
N GLY C 197 -8.41 -43.70 4.96
CA GLY C 197 -7.02 -43.36 5.19
C GLY C 197 -6.57 -42.09 4.52
N CYS C 198 -5.49 -42.18 3.76
CA CYS C 198 -4.72 -41.01 3.37
C CYS C 198 -3.99 -41.27 2.06
N THR C 199 -4.01 -40.28 1.15
CA THR C 199 -3.18 -40.33 -0.05
C THR C 199 -2.42 -39.03 -0.18
N ALA C 200 -1.15 -39.13 -0.59
CA ALA C 200 -0.26 -37.98 -0.66
C ALA C 200 0.39 -37.85 -2.03
N TYR C 201 0.63 -36.61 -2.45
CA TYR C 201 1.38 -36.29 -3.64
C TYR C 201 2.78 -35.89 -3.23
N VAL C 202 3.75 -36.30 -4.04
CA VAL C 202 5.15 -36.21 -3.66
C VAL C 202 5.92 -35.45 -4.73
N TYR C 203 6.86 -34.62 -4.31
CA TYR C 203 7.78 -33.94 -5.22
C TYR C 203 9.17 -34.01 -4.62
N GLY C 204 10.13 -34.40 -5.43
CA GLY C 204 11.51 -34.42 -4.98
C GLY C 204 12.10 -33.03 -4.93
N ARG C 205 13.07 -32.86 -4.02
CA ARG C 205 13.80 -31.62 -3.86
C ARG C 205 15.30 -31.89 -3.85
N GLY C 206 16.07 -30.87 -4.21
CA GLY C 206 17.51 -30.92 -4.18
C GLY C 206 18.16 -32.03 -4.99
N GLY C 207 17.52 -32.45 -6.08
CA GLY C 207 18.03 -33.55 -6.88
C GLY C 207 17.51 -34.91 -6.48
N TYR C 208 16.73 -34.97 -5.41
CA TYR C 208 16.33 -36.25 -4.85
C TYR C 208 14.93 -36.64 -5.32
N TYR C 209 14.57 -37.89 -4.98
CA TYR C 209 13.26 -38.47 -5.23
C TYR C 209 12.92 -39.46 -4.12
N LEU C 210 11.61 -39.68 -3.91
CA LEU C 210 11.14 -40.60 -2.88
C LEU C 210 11.09 -42.04 -3.39
N SER C 211 11.67 -42.95 -2.62
CA SER C 211 11.64 -44.37 -2.98
C SER C 211 10.22 -44.88 -2.93
N MET C 212 9.98 -46.01 -3.61
CA MET C 212 8.66 -46.65 -3.57
C MET C 212 8.73 -48.11 -3.10
N TYR C 213 9.85 -48.55 -2.55
CA TYR C 213 9.90 -49.88 -1.97
C TYR C 213 9.01 -49.95 -0.74
N LYS C 214 8.23 -51.04 -0.63
CA LYS C 214 7.42 -51.23 0.56
C LYS C 214 8.34 -51.13 1.77
N GLY C 215 7.92 -50.39 2.77
CA GLY C 215 8.72 -50.21 3.95
C GLY C 215 9.55 -48.95 3.98
N ASP C 216 9.75 -48.29 2.83
CA ASP C 216 10.56 -47.08 2.75
C ASP C 216 9.76 -45.80 2.96
N VAL C 217 8.45 -45.87 3.20
CA VAL C 217 7.60 -44.69 3.37
C VAL C 217 6.62 -44.98 4.49
N LYS C 218 6.73 -44.26 5.60
CA LYS C 218 5.95 -44.54 6.80
C LYS C 218 5.17 -43.31 7.25
N LEU C 219 3.88 -43.49 7.47
CA LEU C 219 3.05 -42.47 8.09
C LEU C 219 2.61 -43.04 9.43
N ASN C 220 2.91 -42.32 10.52
CA ASN C 220 2.61 -42.82 11.86
C ASN C 220 3.28 -44.15 12.11
N SER C 221 4.44 -44.36 11.47
CA SER C 221 5.24 -45.59 11.53
C SER C 221 4.58 -46.78 10.84
N VAL C 222 3.59 -46.54 9.97
CA VAL C 222 2.90 -47.60 9.23
C VAL C 222 3.35 -47.57 7.77
N ASP C 223 3.70 -48.73 7.23
CA ASP C 223 4.03 -48.83 5.80
C ASP C 223 2.84 -48.49 4.93
N HIS C 224 3.14 -47.95 3.76
CA HIS C 224 2.12 -47.61 2.79
C HIS C 224 1.48 -48.86 2.21
N ASN C 225 0.30 -48.68 1.59
CA ASN C 225 -0.39 -49.76 0.89
C ASN C 225 -0.18 -49.72 -0.62
N GLU C 226 -0.72 -48.69 -1.29
CA GLU C 226 -0.56 -48.51 -2.72
C GLU C 226 0.38 -47.34 -3.00
N ILE C 227 0.98 -47.34 -4.19
CA ILE C 227 1.90 -46.29 -4.56
C ILE C 227 1.96 -46.20 -6.08
N ILE C 228 2.25 -45.01 -6.61
CA ILE C 228 2.25 -44.75 -8.04
C ILE C 228 3.52 -43.98 -8.39
N SER C 229 4.22 -44.41 -9.45
CA SER C 229 5.57 -43.94 -9.69
C SER C 229 5.84 -43.53 -11.14
N MET C 230 6.87 -42.71 -11.27
CA MET C 230 7.59 -42.51 -12.51
C MET C 230 8.75 -43.49 -12.52
N VAL C 231 9.19 -43.90 -13.70
CA VAL C 231 10.12 -45.03 -13.78
C VAL C 231 11.38 -44.62 -14.49
N GLY C 232 12.49 -45.25 -14.09
CA GLY C 232 13.78 -45.00 -14.70
C GLY C 232 14.45 -46.30 -15.07
N SER C 233 15.77 -46.27 -15.27
CA SER C 233 16.47 -47.45 -15.75
C SER C 233 16.53 -48.53 -14.68
N GLY C 234 16.68 -49.78 -15.13
CA GLY C 234 16.82 -50.93 -14.26
C GLY C 234 15.72 -51.05 -13.25
N SER C 235 16.01 -50.66 -12.01
CA SER C 235 14.99 -50.73 -10.97
C SER C 235 14.75 -49.37 -10.33
N ILE C 236 15.16 -48.29 -10.98
CA ILE C 236 14.91 -46.96 -10.47
C ILE C 236 13.45 -46.58 -10.72
N ALA C 237 12.77 -46.19 -9.66
CA ALA C 237 11.42 -45.66 -9.78
C ALA C 237 11.26 -44.62 -8.69
N ALA C 238 10.43 -43.62 -8.95
CA ALA C 238 10.23 -42.53 -8.02
C ALA C 238 8.76 -42.46 -7.65
N ALA C 239 8.48 -42.56 -6.36
CA ALA C 239 7.11 -42.48 -5.89
C ALA C 239 6.58 -41.06 -6.06
N THR C 240 5.41 -40.95 -6.68
CA THR C 240 4.74 -39.65 -6.81
C THR C 240 3.38 -39.57 -6.15
N MET C 241 2.70 -40.70 -5.92
CA MET C 241 1.50 -40.77 -5.09
C MET C 241 1.65 -41.96 -4.14
N VAL C 242 1.35 -41.75 -2.87
CA VAL C 242 1.46 -42.79 -1.86
C VAL C 242 0.20 -42.78 -0.96
N SER C 243 -0.27 -43.96 -0.60
CA SER C 243 -1.53 -44.08 0.12
C SER C 243 -1.43 -45.03 1.30
N TRP C 244 -2.10 -44.68 2.39
CA TRP C 244 -2.30 -45.55 3.54
C TRP C 244 -3.81 -45.74 3.71
N LYS C 245 -4.27 -47.00 3.66
CA LYS C 245 -5.72 -47.24 3.65
C LYS C 245 -6.36 -46.98 5.01
N SER C 246 -5.61 -47.11 6.11
CA SER C 246 -6.21 -47.01 7.44
C SER C 246 -5.48 -46.01 8.35
N THR C 247 -4.65 -45.13 7.81
CA THR C 247 -3.95 -44.13 8.60
C THR C 247 -4.31 -42.74 8.09
N LYS C 248 -4.62 -41.83 9.01
CA LYS C 248 -4.98 -40.46 8.69
C LYS C 248 -3.81 -39.52 8.93
N ALA C 249 -3.80 -38.41 8.20
CA ALA C 249 -2.81 -37.35 8.37
C ALA C 249 -3.35 -36.30 9.33
N ALA C 250 -2.47 -35.76 10.15
CA ALA C 250 -2.80 -34.77 11.16
C ALA C 250 -1.51 -34.14 11.66
N ALA C 251 -1.64 -32.95 12.25
CA ALA C 251 -0.47 -32.27 12.75
C ALA C 251 0.21 -33.11 13.81
N GLY C 252 1.52 -33.27 13.70
CA GLY C 252 2.19 -34.08 14.67
C GLY C 252 2.63 -35.42 14.14
N ILE C 253 1.78 -36.08 13.35
CA ILE C 253 2.08 -37.43 12.87
C ILE C 253 3.46 -37.44 12.22
N SER C 254 4.20 -38.52 12.39
CA SER C 254 5.52 -38.52 11.79
C SER C 254 5.48 -39.06 10.36
N PHE C 255 6.35 -38.51 9.53
CA PHE C 255 6.60 -39.00 8.19
C PHE C 255 8.07 -39.43 8.12
N LYS C 256 8.30 -40.71 7.86
CA LYS C 256 9.63 -41.24 7.65
C LYS C 256 9.73 -41.77 6.22
N TYR C 257 10.89 -41.56 5.61
CA TYR C 257 11.02 -41.91 4.21
C TYR C 257 12.48 -42.17 3.87
N LEU C 258 12.66 -42.90 2.78
CA LEU C 258 13.98 -43.15 2.20
C LEU C 258 14.05 -42.32 0.92
N GLY C 259 14.92 -41.32 0.91
CA GLY C 259 15.12 -40.47 -0.25
C GLY C 259 16.32 -40.94 -1.06
N LYS C 260 16.19 -40.91 -2.38
CA LYS C 260 17.27 -41.37 -3.25
C LYS C 260 17.49 -40.34 -4.36
N ASN C 261 18.51 -40.60 -5.17
CA ASN C 261 18.93 -39.65 -6.19
C ASN C 261 19.50 -40.44 -7.35
N LEU C 262 19.86 -39.72 -8.41
CA LEU C 262 20.30 -40.37 -9.65
C LEU C 262 21.81 -40.38 -9.80
N ILE C 263 22.53 -39.57 -9.03
CA ILE C 263 23.99 -39.55 -9.15
C ILE C 263 24.64 -40.62 -8.28
N THR C 264 24.27 -40.72 -6.98
CA THR C 264 24.88 -41.69 -6.08
C THR C 264 23.90 -42.79 -5.73
N SER C 265 24.43 -43.85 -5.11
CA SER C 265 23.66 -45.00 -4.66
C SER C 265 23.13 -44.84 -3.25
N THR C 266 23.49 -43.76 -2.56
CA THR C 266 23.11 -43.63 -1.17
C THR C 266 21.66 -43.17 -1.02
N SER C 267 21.17 -43.25 0.22
CA SER C 267 19.80 -42.92 0.60
C SER C 267 19.84 -42.00 1.80
N HIS C 268 19.13 -40.89 1.74
CA HIS C 268 18.88 -40.12 2.95
C HIS C 268 17.78 -40.78 3.76
N SER C 269 17.95 -40.86 5.08
CA SER C 269 16.98 -41.48 5.97
C SER C 269 16.23 -40.36 6.67
N GLY C 270 15.00 -40.09 6.23
CA GLY C 270 14.27 -38.92 6.66
C GLY C 270 13.28 -39.22 7.78
N SER C 271 13.19 -38.29 8.73
CA SER C 271 12.21 -38.36 9.81
C SER C 271 11.73 -36.94 10.10
N VAL C 272 10.48 -36.63 9.77
CA VAL C 272 9.89 -35.30 9.90
C VAL C 272 8.47 -35.47 10.43
N THR C 273 7.75 -34.36 10.61
CA THR C 273 6.39 -34.47 11.16
C THR C 273 5.42 -33.55 10.43
N LEU C 274 4.19 -34.03 10.22
CA LEU C 274 3.23 -33.31 9.41
C LEU C 274 2.81 -32.01 10.06
N VAL C 275 2.57 -31.00 9.21
CA VAL C 275 2.15 -29.67 9.60
C VAL C 275 0.87 -29.34 8.84
N ALA C 276 0.01 -28.54 9.46
CA ALA C 276 -1.22 -28.14 8.80
C ALA C 276 -0.92 -27.29 7.59
N ALA C 277 -1.78 -27.39 6.59
CA ALA C 277 -1.69 -26.52 5.43
C ALA C 277 -1.89 -25.06 5.85
N PRO C 278 -1.12 -24.11 5.28
CA PRO C 278 -1.32 -22.68 5.51
C PRO C 278 -2.63 -22.16 4.90
#